data_5RM6
#
_entry.id   5RM6
#
_cell.length_a   59.116
_cell.length_b   70.245
_cell.length_c   85.683
_cell.angle_alpha   102.810
_cell.angle_beta   96.390
_cell.angle_gamma   112.150
#
_symmetry.space_group_name_H-M   'P 1'
#
loop_
_entity.id
_entity.type
_entity.pdbx_description
1 polymer Helicase
2 non-polymer 'ZINC ION'
3 non-polymer 'PHOSPHATE ION'
4 non-polymer ~{N}-(cyclobutylmethyl)-1,5-dimethyl-pyrazole-4-carboxamide
5 water water
#
_entity_poly.entity_id   1
_entity_poly.type   'polypeptide(L)'
_entity_poly.pdbx_seq_one_letter_code
;AVGACVLCNSQTSLRCGACIRRPFLCCKCCYDHVISTSHKLVLSVNPYVCNAPGCDVTDVTQLYLGGMSYYCKSHKPPIS
FPLCANGQVFGLYKNTCVGSDNVTDFNAIATCDWTNAGDYILANTCTERLKLFAAETLKATEETFKLSYGIATVREVLSD
RELHLSWEVGKPRPPLNRNYVFTGYRVTKNSKVQIGEYTFEKGDYGDAVVYRGTTTYKLNVGDYFVLTSHTVMPLSAPTL
VPQEHYVRITGLYPTLNISDEFSSNVANYQKVGMQKYSTLQGPPGTGKSHFAIGLALYYPSARIVYTACSHAAVDALCEK
ALKYLPIDKCSRIIPARARVECFDKFKVNSTLEQYVFCTVNALPETTADIVVFDEISMATNYDLSVVNARLRAKHYVYIG
DPAQLPAPRTLLTKGTLEPEYFNSVCRLMKTIGPDMFLGTCRRCPAEIVDTVSALVYDNKLKAHKDKSAQCFKMFYKGVI
THDVSSAINRPQIGVVREFLTRNPAWRKAVFISPYNSQNAVASKILGLPTQTVDSSQGSEYDYVIFTQTTETAHSCNVNR
FNVAITRAKVGILCIMSDRDLYDKLQFTSLEIPRRNVATLQ
;
_entity_poly.pdbx_strand_id   A,B
#
# COMPACT_ATOMS: atom_id res chain seq x y z
N ALA A 1 -24.78 7.51 -4.42
CA ALA A 1 -25.93 8.22 -4.99
C ALA A 1 -26.60 9.12 -3.95
N VAL A 2 -26.67 8.67 -2.70
CA VAL A 2 -27.24 9.46 -1.62
C VAL A 2 -26.07 10.04 -0.86
N GLY A 3 -25.80 11.34 -1.06
CA GLY A 3 -24.66 11.95 -0.42
C GLY A 3 -24.87 13.31 0.20
N ALA A 4 -23.76 13.95 0.60
CA ALA A 4 -23.79 15.26 1.24
C ALA A 4 -23.21 16.35 0.34
N CYS A 5 -23.91 17.51 0.27
CA CYS A 5 -23.60 18.71 -0.51
C CYS A 5 -22.20 19.23 -0.21
N VAL A 6 -21.40 19.53 -1.26
CA VAL A 6 -20.06 20.06 -1.04
C VAL A 6 -20.05 21.56 -0.65
N LEU A 7 -21.21 22.22 -0.53
CA LEU A 7 -21.25 23.65 -0.17
C LEU A 7 -21.98 23.95 1.12
N CYS A 8 -22.96 23.11 1.47
CA CYS A 8 -23.71 23.34 2.71
C CYS A 8 -24.09 22.02 3.42
N ASN A 9 -23.48 20.86 3.03
CA ASN A 9 -23.60 19.52 3.64
C ASN A 9 -25.02 18.92 3.58
N SER A 10 -26.06 19.73 3.24
CA SER A 10 -27.46 19.32 3.15
C SER A 10 -27.58 18.11 2.24
N GLN A 11 -27.91 16.94 2.83
CA GLN A 11 -28.04 15.66 2.11
C GLN A 11 -28.86 15.79 0.80
N THR A 12 -28.38 15.15 -0.29
CA THR A 12 -29.06 15.25 -1.58
C THR A 12 -28.81 14.07 -2.48
N SER A 13 -29.78 13.79 -3.34
CA SER A 13 -29.58 12.82 -4.39
C SER A 13 -28.90 13.50 -5.61
N LEU A 14 -28.78 14.87 -5.63
CA LEU A 14 -28.20 15.59 -6.77
C LEU A 14 -26.67 15.66 -6.76
N ARG A 15 -26.08 15.39 -7.92
CA ARG A 15 -24.66 15.53 -8.24
C ARG A 15 -24.61 16.33 -9.53
N CYS A 16 -23.61 17.23 -9.70
CA CYS A 16 -23.50 17.93 -10.97
C CYS A 16 -22.83 17.00 -11.96
N GLY A 17 -23.51 16.74 -13.07
CA GLY A 17 -22.99 15.88 -14.12
C GLY A 17 -21.95 16.55 -14.99
N ALA A 18 -21.91 17.89 -14.98
CA ALA A 18 -20.95 18.65 -15.79
C ALA A 18 -19.60 18.93 -15.09
N CYS A 19 -19.56 18.77 -13.75
CA CYS A 19 -18.31 18.89 -12.99
C CYS A 19 -17.53 17.61 -13.19
N ILE A 20 -16.20 17.71 -13.38
CA ILE A 20 -15.30 16.56 -13.58
C ILE A 20 -15.29 15.61 -12.32
N ARG A 21 -15.50 16.20 -11.13
CA ARG A 21 -15.55 15.41 -9.92
C ARG A 21 -17.00 14.98 -9.52
N ARG A 22 -18.05 15.45 -10.26
CA ARG A 22 -19.48 15.17 -10.00
C ARG A 22 -19.87 15.37 -8.53
N PRO A 23 -19.62 16.57 -7.98
CA PRO A 23 -19.94 16.81 -6.57
C PRO A 23 -21.41 16.76 -6.26
N PHE A 24 -21.74 16.27 -5.07
CA PHE A 24 -23.08 16.28 -4.54
C PHE A 24 -23.43 17.75 -4.24
N LEU A 25 -24.58 18.21 -4.75
CA LEU A 25 -25.09 19.57 -4.59
C LEU A 25 -26.53 19.51 -4.11
N CYS A 26 -26.83 20.29 -3.07
CA CYS A 26 -28.16 20.35 -2.51
C CYS A 26 -29.13 21.04 -3.46
N CYS A 27 -30.45 20.84 -3.26
CA CYS A 27 -31.49 21.49 -4.06
C CYS A 27 -31.26 23.01 -4.28
N LYS A 28 -31.01 23.79 -3.21
CA LYS A 28 -30.82 25.23 -3.33
C LYS A 28 -29.52 25.64 -4.04
N CYS A 29 -28.39 24.99 -3.67
CA CYS A 29 -27.07 25.27 -4.21
C CYS A 29 -26.88 24.78 -5.68
N CYS A 30 -27.41 23.58 -6.03
CA CYS A 30 -27.43 23.01 -7.39
C CYS A 30 -28.09 23.99 -8.35
N TYR A 31 -29.15 24.66 -7.90
CA TYR A 31 -29.84 25.68 -8.70
C TYR A 31 -28.89 26.82 -8.97
N ASP A 32 -28.33 27.45 -7.92
CA ASP A 32 -27.41 28.57 -8.03
C ASP A 32 -26.25 28.28 -8.96
N HIS A 33 -25.83 26.99 -9.02
CA HIS A 33 -24.77 26.53 -9.90
C HIS A 33 -25.23 26.41 -11.38
N VAL A 34 -26.31 25.66 -11.65
CA VAL A 34 -26.76 25.48 -13.03
C VAL A 34 -27.23 26.77 -13.70
N ILE A 35 -27.86 27.70 -12.94
CA ILE A 35 -28.40 28.93 -13.53
C ILE A 35 -27.34 30.02 -13.80
N SER A 36 -26.11 29.82 -13.33
CA SER A 36 -25.06 30.82 -13.51
C SER A 36 -23.76 30.29 -14.17
N THR A 37 -23.77 29.01 -14.61
CA THR A 37 -22.65 28.39 -15.31
C THR A 37 -23.14 27.65 -16.57
N SER A 38 -22.22 27.22 -17.45
CA SER A 38 -22.57 26.38 -18.59
C SER A 38 -22.99 24.96 -18.13
N HIS A 39 -22.80 24.63 -16.83
CA HIS A 39 -23.12 23.32 -16.29
C HIS A 39 -24.62 23.14 -16.10
N LYS A 40 -25.24 22.27 -16.92
CA LYS A 40 -26.71 22.06 -16.84
C LYS A 40 -27.11 20.60 -16.64
N LEU A 41 -26.15 19.63 -16.70
CA LEU A 41 -26.51 18.24 -16.48
C LEU A 41 -26.53 17.96 -14.98
N VAL A 42 -27.66 17.46 -14.47
CA VAL A 42 -27.82 17.11 -13.05
C VAL A 42 -28.05 15.58 -12.96
N LEU A 43 -27.30 14.91 -12.09
CA LEU A 43 -27.39 13.47 -11.90
C LEU A 43 -28.04 13.13 -10.56
N SER A 44 -28.69 11.96 -10.49
CA SER A 44 -29.35 11.34 -9.33
C SER A 44 -29.18 9.79 -9.55
N VAL A 45 -30.12 8.93 -9.08
CA VAL A 45 -30.06 7.48 -9.38
C VAL A 45 -30.21 7.31 -10.93
N ASN A 46 -31.16 8.10 -11.47
CA ASN A 46 -31.59 8.35 -12.83
C ASN A 46 -31.17 9.80 -13.15
N PRO A 47 -30.58 10.06 -14.32
CA PRO A 47 -30.16 11.44 -14.64
C PRO A 47 -31.32 12.34 -15.03
N TYR A 48 -31.08 13.65 -15.03
CA TYR A 48 -32.12 14.59 -15.43
C TYR A 48 -32.02 14.79 -16.90
N VAL A 49 -32.74 13.93 -17.62
CA VAL A 49 -32.80 13.89 -19.07
C VAL A 49 -34.26 13.59 -19.45
N CYS A 50 -34.70 14.09 -20.62
CA CYS A 50 -36.06 13.80 -21.09
C CYS A 50 -36.22 12.30 -21.34
N ASN A 51 -37.21 11.72 -20.66
CA ASN A 51 -37.56 10.33 -20.75
C ASN A 51 -38.30 9.96 -22.03
N ALA A 52 -38.81 10.97 -22.81
CA ALA A 52 -39.50 10.69 -24.06
C ALA A 52 -38.51 10.07 -25.04
N PRO A 53 -38.92 9.00 -25.75
CA PRO A 53 -37.97 8.28 -26.61
C PRO A 53 -37.23 9.10 -27.66
N GLY A 54 -35.90 8.90 -27.70
CA GLY A 54 -35.03 9.57 -28.66
C GLY A 54 -34.88 11.07 -28.49
N CYS A 55 -35.24 11.57 -27.31
CA CYS A 55 -35.11 12.99 -27.06
C CYS A 55 -33.80 13.26 -26.34
N ASP A 56 -33.04 14.26 -26.85
CA ASP A 56 -31.73 14.62 -26.33
C ASP A 56 -31.72 15.84 -25.39
N VAL A 57 -32.85 16.19 -24.74
CA VAL A 57 -32.85 17.32 -23.80
C VAL A 57 -32.27 16.87 -22.46
N THR A 58 -31.08 17.41 -22.11
CA THR A 58 -30.31 17.12 -20.90
C THR A 58 -30.16 18.33 -19.95
N ASP A 59 -30.48 19.55 -20.45
CA ASP A 59 -30.39 20.79 -19.68
C ASP A 59 -31.51 20.79 -18.65
N VAL A 60 -31.14 20.82 -17.35
CA VAL A 60 -32.06 20.79 -16.21
C VAL A 60 -33.03 22.00 -16.17
N THR A 61 -32.64 23.12 -16.78
CA THR A 61 -33.48 24.31 -16.84
C THR A 61 -34.59 24.21 -17.90
N GLN A 62 -34.43 23.28 -18.87
CA GLN A 62 -35.39 23.00 -19.92
C GLN A 62 -36.17 21.70 -19.64
N LEU A 63 -36.17 21.18 -18.37
CA LEU A 63 -36.82 19.93 -18.00
C LEU A 63 -37.83 20.08 -16.86
N TYR A 64 -38.80 19.15 -16.79
CA TYR A 64 -39.93 19.13 -15.86
C TYR A 64 -40.21 17.73 -15.30
N LEU A 65 -40.99 17.65 -14.21
CA LEU A 65 -41.46 16.43 -13.55
C LEU A 65 -42.93 16.04 -13.96
N GLY A 66 -43.03 14.98 -14.77
CA GLY A 66 -44.30 14.43 -15.23
C GLY A 66 -44.67 13.25 -14.37
N GLY A 67 -45.22 13.57 -13.22
CA GLY A 67 -45.57 12.58 -12.21
C GLY A 67 -44.33 12.15 -11.46
N MET A 68 -43.70 11.09 -11.94
CA MET A 68 -42.48 10.58 -11.34
C MET A 68 -41.32 10.44 -12.36
N SER A 69 -41.46 11.08 -13.53
CA SER A 69 -40.46 11.04 -14.59
C SER A 69 -40.06 12.48 -15.05
N TYR A 70 -39.09 12.58 -15.97
CA TYR A 70 -38.60 13.89 -16.42
C TYR A 70 -38.77 14.00 -17.92
N TYR A 71 -39.26 15.17 -18.41
CA TYR A 71 -39.49 15.48 -19.83
C TYR A 71 -39.17 16.93 -20.13
N CYS A 72 -38.84 17.26 -21.39
CA CYS A 72 -38.58 18.66 -21.78
C CYS A 72 -39.92 19.47 -21.97
N LYS A 73 -39.86 20.71 -22.52
CA LYS A 73 -41.05 21.54 -22.76
C LYS A 73 -41.91 20.98 -23.93
N SER A 74 -41.26 20.24 -24.89
CA SER A 74 -41.92 19.61 -26.04
C SER A 74 -42.61 18.28 -25.68
N HIS A 75 -42.12 17.58 -24.64
CA HIS A 75 -42.65 16.27 -24.29
C HIS A 75 -43.30 16.15 -22.95
N LYS A 76 -43.37 17.23 -22.17
CA LYS A 76 -43.94 17.15 -20.83
C LYS A 76 -45.45 16.89 -20.85
N PRO A 77 -45.99 16.20 -19.82
CA PRO A 77 -47.45 16.05 -19.73
C PRO A 77 -48.13 17.34 -19.24
N PRO A 78 -49.46 17.51 -19.37
CA PRO A 78 -50.09 18.75 -18.88
C PRO A 78 -49.82 19.03 -17.39
N ILE A 79 -49.83 17.98 -16.55
CA ILE A 79 -49.56 18.14 -15.14
C ILE A 79 -48.06 17.85 -14.88
N SER A 80 -47.27 18.94 -15.02
CA SER A 80 -45.81 18.95 -14.87
C SER A 80 -45.27 20.27 -14.31
N PHE A 81 -44.35 20.11 -13.38
CA PHE A 81 -43.64 21.09 -12.57
C PHE A 81 -42.22 21.24 -13.11
N PRO A 82 -41.66 22.47 -13.30
CA PRO A 82 -40.24 22.56 -13.73
C PRO A 82 -39.26 22.03 -12.68
N LEU A 83 -38.13 21.45 -13.14
CA LEU A 83 -37.11 21.00 -12.22
C LEU A 83 -36.44 22.22 -11.54
N CYS A 84 -36.44 23.40 -12.21
CA CYS A 84 -35.85 24.62 -11.67
C CYS A 84 -36.92 25.67 -11.37
N ALA A 85 -37.16 25.94 -10.08
CA ALA A 85 -38.12 26.95 -9.61
C ALA A 85 -37.82 27.29 -8.17
N ASN A 86 -38.13 28.53 -7.76
CA ASN A 86 -37.93 28.99 -6.38
C ASN A 86 -36.49 28.75 -5.86
N GLY A 87 -35.50 28.98 -6.71
CA GLY A 87 -34.10 28.80 -6.33
C GLY A 87 -33.70 27.38 -5.97
N GLN A 88 -34.44 26.39 -6.49
CA GLN A 88 -34.16 25.00 -6.19
C GLN A 88 -34.25 24.11 -7.42
N VAL A 89 -33.48 23.01 -7.38
CA VAL A 89 -33.51 21.94 -8.38
C VAL A 89 -34.23 20.81 -7.68
N PHE A 90 -35.37 20.33 -8.23
CA PHE A 90 -36.17 19.29 -7.58
C PHE A 90 -35.36 18.04 -7.29
N GLY A 91 -35.24 17.71 -6.03
CA GLY A 91 -34.51 16.53 -5.59
C GLY A 91 -34.95 16.04 -4.23
N LEU A 92 -34.29 14.99 -3.74
CA LEU A 92 -34.60 14.44 -2.44
C LEU A 92 -34.10 15.34 -1.33
N TYR A 93 -34.85 15.37 -0.23
CA TYR A 93 -34.55 16.10 1.01
C TYR A 93 -34.62 17.64 0.85
N LYS A 94 -35.48 18.12 -0.08
CA LYS A 94 -35.72 19.54 -0.37
C LYS A 94 -36.14 20.31 0.88
N VAL A 103 -21.14 30.43 -3.19
CA VAL A 103 -21.31 29.57 -4.36
C VAL A 103 -20.74 30.23 -5.63
N THR A 104 -20.59 31.58 -5.68
CA THR A 104 -19.85 32.27 -6.75
C THR A 104 -18.41 31.68 -6.88
N ASP A 105 -17.81 31.35 -5.72
CA ASP A 105 -16.50 30.73 -5.65
C ASP A 105 -16.53 29.26 -6.13
N PHE A 106 -17.58 28.52 -5.77
CA PHE A 106 -17.74 27.14 -6.21
C PHE A 106 -17.83 27.07 -7.73
N ASN A 107 -18.56 28.01 -8.34
CA ASN A 107 -18.76 28.10 -9.79
C ASN A 107 -17.44 28.31 -10.49
N ALA A 108 -16.62 29.25 -9.97
CA ALA A 108 -15.32 29.56 -10.54
C ALA A 108 -14.33 28.38 -10.46
N ILE A 109 -14.36 27.60 -9.35
CA ILE A 109 -13.50 26.41 -9.19
C ILE A 109 -13.97 25.28 -10.14
N ALA A 110 -15.30 25.09 -10.23
CA ALA A 110 -15.93 24.05 -11.06
C ALA A 110 -15.71 24.23 -12.57
N THR A 111 -15.61 25.48 -13.06
CA THR A 111 -15.51 25.80 -14.50
C THR A 111 -14.15 26.33 -15.01
N CYS A 112 -13.23 26.66 -14.11
CA CYS A 112 -11.93 27.18 -14.52
C CYS A 112 -11.02 26.10 -15.15
N ASP A 113 -10.10 26.51 -16.03
CA ASP A 113 -9.17 25.57 -16.67
C ASP A 113 -7.82 25.41 -15.93
N TRP A 114 -7.63 26.14 -14.79
CA TRP A 114 -6.44 26.12 -13.92
C TRP A 114 -5.17 26.68 -14.58
N THR A 115 -5.33 27.50 -15.63
CA THR A 115 -4.18 28.08 -16.32
C THR A 115 -3.82 29.46 -15.74
N ASN A 116 -4.75 30.13 -15.04
CA ASN A 116 -4.56 31.45 -14.44
C ASN A 116 -4.21 31.32 -12.96
N ALA A 117 -3.43 32.26 -12.42
CA ALA A 117 -3.05 32.28 -11.01
C ALA A 117 -4.26 32.56 -10.11
N GLY A 118 -5.21 33.36 -10.58
CA GLY A 118 -6.44 33.70 -9.86
C GLY A 118 -7.27 32.50 -9.46
N ASP A 119 -7.11 31.37 -10.20
CA ASP A 119 -7.76 30.09 -9.95
C ASP A 119 -7.18 29.43 -8.67
N TYR A 120 -5.85 29.54 -8.50
CA TYR A 120 -5.12 29.00 -7.36
C TYR A 120 -5.32 29.86 -6.13
N ILE A 121 -5.48 31.19 -6.31
CA ILE A 121 -5.77 32.13 -5.24
C ILE A 121 -7.12 31.78 -4.65
N LEU A 122 -8.11 31.56 -5.50
CA LEU A 122 -9.43 31.17 -5.06
C LEU A 122 -9.39 29.82 -4.33
N ALA A 123 -8.71 28.80 -4.90
CA ALA A 123 -8.56 27.45 -4.32
C ALA A 123 -7.95 27.42 -2.89
N ASN A 124 -7.43 28.57 -2.43
CA ASN A 124 -6.81 28.69 -1.11
C ASN A 124 -7.51 29.70 -0.20
N THR A 125 -8.26 30.65 -0.79
CA THR A 125 -9.02 31.64 -0.01
C THR A 125 -10.48 31.21 0.26
N CYS A 126 -10.92 30.09 -0.34
CA CYS A 126 -12.28 29.60 -0.20
C CYS A 126 -12.53 28.82 1.14
N THR A 127 -13.74 28.28 1.35
CA THR A 127 -14.05 27.49 2.53
C THR A 127 -13.22 26.18 2.51
N GLU A 128 -13.20 25.45 3.63
CA GLU A 128 -12.43 24.22 3.71
C GLU A 128 -12.93 23.12 2.73
N ARG A 129 -14.27 22.87 2.64
CA ARG A 129 -14.75 21.86 1.69
C ARG A 129 -14.43 22.28 0.23
N LEU A 130 -14.40 23.60 -0.04
CA LEU A 130 -14.07 24.10 -1.38
C LEU A 130 -12.58 24.02 -1.69
N LYS A 131 -11.72 24.02 -0.65
CA LYS A 131 -10.28 23.82 -0.82
C LYS A 131 -10.10 22.36 -1.31
N LEU A 132 -10.88 21.38 -0.75
CA LEU A 132 -10.81 19.96 -1.17
C LEU A 132 -11.37 19.73 -2.57
N PHE A 133 -12.51 20.37 -2.91
CA PHE A 133 -13.12 20.28 -4.23
C PHE A 133 -12.14 20.86 -5.26
N ALA A 134 -11.56 22.04 -4.95
CA ALA A 134 -10.57 22.67 -5.82
C ALA A 134 -9.34 21.78 -6.02
N ALA A 135 -8.85 21.14 -4.94
CA ALA A 135 -7.69 20.27 -4.98
C ALA A 135 -7.90 18.97 -5.80
N GLU A 136 -9.10 18.33 -5.73
CA GLU A 136 -9.36 17.11 -6.54
C GLU A 136 -9.58 17.52 -8.00
N THR A 137 -10.32 18.63 -8.22
CA THR A 137 -10.63 19.14 -9.56
C THR A 137 -9.35 19.48 -10.31
N LEU A 138 -8.42 20.20 -9.62
CA LEU A 138 -7.15 20.59 -10.18
C LEU A 138 -6.31 19.36 -10.48
N LYS A 139 -6.20 18.42 -9.52
CA LYS A 139 -5.36 17.25 -9.76
C LYS A 139 -5.90 16.37 -10.88
N ALA A 140 -7.23 16.27 -10.99
CA ALA A 140 -7.86 15.51 -12.07
C ALA A 140 -7.64 16.22 -13.42
N THR A 141 -7.67 17.57 -13.42
CA THR A 141 -7.40 18.34 -14.63
C THR A 141 -5.93 18.18 -15.08
N GLU A 142 -5.01 18.19 -14.10
CA GLU A 142 -3.59 18.02 -14.35
C GLU A 142 -3.32 16.63 -14.97
N GLU A 143 -4.11 15.60 -14.58
CA GLU A 143 -3.99 14.22 -15.07
C GLU A 143 -4.49 14.04 -16.49
N THR A 144 -5.69 14.57 -16.80
CA THR A 144 -6.23 14.52 -18.16
C THR A 144 -5.34 15.33 -19.15
N PHE A 145 -4.53 16.28 -18.64
CA PHE A 145 -3.61 17.04 -19.47
C PHE A 145 -2.39 16.18 -19.91
N LYS A 146 -2.03 15.15 -19.11
CA LYS A 146 -0.93 14.24 -19.48
C LYS A 146 -1.31 13.43 -20.73
N LEU A 147 -2.62 13.16 -20.93
CA LEU A 147 -3.15 12.42 -22.08
C LEU A 147 -2.96 13.18 -23.40
N SER A 148 -2.93 14.53 -23.33
CA SER A 148 -2.78 15.42 -24.49
C SER A 148 -1.41 15.31 -25.18
N TYR A 149 -0.38 14.91 -24.42
CA TYR A 149 0.98 14.76 -24.92
C TYR A 149 1.15 13.52 -25.81
N GLY A 150 2.13 13.62 -26.72
CA GLY A 150 2.48 12.57 -27.68
C GLY A 150 3.46 11.53 -27.19
N ILE A 151 3.28 10.29 -27.66
CA ILE A 151 4.10 9.13 -27.29
C ILE A 151 5.49 9.18 -27.95
N ALA A 152 6.58 8.78 -27.25
CA ALA A 152 7.93 8.76 -27.84
C ALA A 152 8.46 7.32 -28.00
N THR A 153 8.59 6.86 -29.25
CA THR A 153 9.06 5.50 -29.55
C THR A 153 10.57 5.52 -29.88
N VAL A 154 11.37 4.63 -29.24
CA VAL A 154 12.82 4.52 -29.44
C VAL A 154 13.22 4.25 -30.91
N ARG A 155 13.89 5.21 -31.54
CA ARG A 155 14.35 5.07 -32.92
C ARG A 155 15.69 4.32 -32.97
N GLU A 156 16.67 4.71 -32.12
CA GLU A 156 18.00 4.06 -32.03
C GLU A 156 18.64 4.15 -30.62
N VAL A 157 19.43 3.12 -30.23
CA VAL A 157 20.12 3.12 -28.94
C VAL A 157 21.61 3.25 -29.22
N LEU A 158 22.19 4.40 -28.86
CA LEU A 158 23.60 4.70 -29.09
C LEU A 158 24.52 3.95 -28.09
N SER A 159 24.27 4.13 -26.79
CA SER A 159 25.06 3.52 -25.74
C SER A 159 24.18 3.19 -24.49
N ASP A 160 24.76 3.16 -23.26
CA ASP A 160 24.07 2.86 -22.01
C ASP A 160 23.37 4.10 -21.39
N ARG A 161 23.67 5.31 -21.88
CA ARG A 161 23.06 6.52 -21.35
C ARG A 161 22.56 7.51 -22.43
N GLU A 162 22.65 7.17 -23.74
CA GLU A 162 22.13 8.05 -24.80
C GLU A 162 21.28 7.31 -25.86
N LEU A 163 20.20 7.97 -26.36
CA LEU A 163 19.33 7.40 -27.40
C LEU A 163 18.68 8.49 -28.31
N HIS A 164 18.05 8.08 -29.43
CA HIS A 164 17.35 8.99 -30.33
C HIS A 164 15.85 8.65 -30.33
N LEU A 165 14.96 9.64 -30.09
CA LEU A 165 13.52 9.37 -30.03
C LEU A 165 12.71 9.86 -31.23
N SER A 166 11.62 9.13 -31.54
CA SER A 166 10.66 9.42 -32.61
C SER A 166 9.34 9.82 -31.93
N TRP A 167 8.87 11.07 -32.14
CA TRP A 167 7.66 11.56 -31.48
C TRP A 167 6.38 11.45 -32.29
N GLU A 168 5.24 11.38 -31.59
CA GLU A 168 3.92 11.28 -32.19
C GLU A 168 3.53 12.61 -32.82
N VAL A 169 3.14 12.56 -34.10
CA VAL A 169 2.72 13.71 -34.90
C VAL A 169 1.30 14.13 -34.50
N GLY A 170 1.05 15.43 -34.42
CA GLY A 170 -0.26 15.95 -34.07
C GLY A 170 -0.49 16.19 -32.59
N LYS A 171 0.37 15.63 -31.73
CA LYS A 171 0.25 15.81 -30.29
C LYS A 171 1.50 16.49 -29.74
N PRO A 172 1.33 17.51 -28.88
CA PRO A 172 2.50 18.22 -28.34
C PRO A 172 3.53 17.33 -27.65
N ARG A 173 4.78 17.80 -27.58
CA ARG A 173 5.89 17.07 -26.94
C ARG A 173 6.12 17.63 -25.53
N PRO A 174 5.98 16.79 -24.49
CA PRO A 174 6.17 17.30 -23.11
C PRO A 174 7.58 17.79 -22.82
N PRO A 175 7.71 18.78 -21.92
CA PRO A 175 9.03 19.30 -21.56
C PRO A 175 9.99 18.20 -21.11
N LEU A 176 11.21 18.17 -21.65
CA LEU A 176 12.17 17.12 -21.31
C LEU A 176 13.11 17.45 -20.14
N ASN A 177 12.56 17.41 -18.92
CA ASN A 177 13.35 17.61 -17.72
C ASN A 177 13.02 16.51 -16.69
N ARG A 178 13.75 16.45 -15.57
CA ARG A 178 13.46 15.48 -14.52
C ARG A 178 12.05 15.64 -13.92
N ASN A 179 11.36 16.77 -14.21
CA ASN A 179 9.99 17.08 -13.75
C ASN A 179 8.97 16.11 -14.37
N TYR A 180 9.28 15.58 -15.57
CA TYR A 180 8.39 14.68 -16.31
C TYR A 180 8.93 13.24 -16.32
N VAL A 181 8.29 12.35 -15.54
CA VAL A 181 8.70 10.95 -15.44
C VAL A 181 7.75 10.04 -16.23
N PHE A 182 8.22 9.50 -17.34
CA PHE A 182 7.43 8.61 -18.18
C PHE A 182 7.41 7.21 -17.61
N THR A 183 6.43 6.41 -18.02
CA THR A 183 6.39 5.00 -17.68
C THR A 183 6.77 4.28 -18.98
N GLY A 184 7.88 3.56 -18.93
CA GLY A 184 8.38 2.86 -20.09
C GLY A 184 7.69 1.54 -20.34
N TYR A 185 7.60 1.14 -21.63
CA TYR A 185 6.97 -0.11 -22.07
C TYR A 185 7.80 -0.80 -23.16
N GLN A 194 5.81 -2.93 -18.72
CA GLN A 194 6.23 -1.88 -17.80
C GLN A 194 7.73 -2.03 -17.52
N ILE A 195 8.59 -1.55 -18.42
CA ILE A 195 10.04 -1.66 -18.26
C ILE A 195 10.63 -0.59 -17.30
N GLY A 196 9.81 -0.12 -16.36
CA GLY A 196 10.20 0.85 -15.35
C GLY A 196 10.05 2.29 -15.77
N GLU A 197 9.97 3.19 -14.78
CA GLU A 197 9.85 4.62 -15.05
C GLU A 197 11.17 5.16 -15.66
N TYR A 198 11.09 6.18 -16.50
CA TYR A 198 12.26 6.76 -17.17
C TYR A 198 12.13 8.31 -17.20
N THR A 199 13.26 9.01 -17.39
CA THR A 199 13.33 10.49 -17.54
C THR A 199 14.30 10.85 -18.70
N PHE A 200 14.13 12.03 -19.35
CA PHE A 200 14.99 12.45 -20.49
C PHE A 200 15.60 13.87 -20.37
N GLU A 201 16.79 14.08 -20.96
CA GLU A 201 17.50 15.37 -20.96
C GLU A 201 18.21 15.63 -22.30
N LYS A 202 17.96 16.80 -22.93
CA LYS A 202 18.58 17.15 -24.22
C LYS A 202 20.09 17.43 -24.13
N ASP A 207 21.16 16.22 -32.28
CA ASP A 207 20.03 15.31 -32.11
C ASP A 207 20.27 14.26 -31.01
N ALA A 208 21.24 14.47 -30.11
CA ALA A 208 21.53 13.50 -29.05
C ALA A 208 20.83 13.77 -27.71
N VAL A 209 19.96 12.84 -27.24
CA VAL A 209 19.22 12.94 -25.97
C VAL A 209 19.75 11.90 -24.94
N VAL A 210 19.63 12.20 -23.65
CA VAL A 210 20.14 11.36 -22.57
C VAL A 210 18.96 10.62 -21.83
N TYR A 211 18.97 9.24 -21.81
CA TYR A 211 17.91 8.44 -21.16
C TYR A 211 18.28 7.95 -19.75
N ARG A 212 17.40 8.23 -18.76
CA ARG A 212 17.67 7.86 -17.37
C ARG A 212 16.59 6.92 -16.82
N GLY A 213 16.80 5.64 -17.00
CA GLY A 213 15.86 4.64 -16.54
C GLY A 213 16.01 4.22 -15.10
N THR A 214 14.89 4.20 -14.37
CA THR A 214 14.85 3.79 -12.98
C THR A 214 15.33 2.34 -12.84
N THR A 215 14.94 1.48 -13.80
CA THR A 215 15.37 0.08 -13.83
C THR A 215 16.38 -0.08 -14.99
N THR A 216 17.53 -0.75 -14.76
CA THR A 216 18.53 -0.92 -15.82
C THR A 216 18.13 -1.94 -16.88
N TYR A 217 17.60 -1.46 -18.00
CA TYR A 217 17.17 -2.33 -19.07
C TYR A 217 17.87 -1.98 -20.36
N LYS A 218 18.28 -3.00 -21.12
CA LYS A 218 18.95 -2.82 -22.41
C LYS A 218 17.92 -2.29 -23.42
N LEU A 219 17.80 -0.93 -23.49
CA LEU A 219 16.86 -0.18 -24.32
C LEU A 219 16.51 -0.85 -25.67
N ASN A 220 15.28 -1.36 -25.77
CA ASN A 220 14.82 -2.04 -26.98
C ASN A 220 14.38 -0.98 -27.98
N VAL A 221 14.81 -1.11 -29.25
CA VAL A 221 14.40 -0.18 -30.30
C VAL A 221 12.96 -0.53 -30.66
N GLY A 222 12.08 0.47 -30.58
CA GLY A 222 10.67 0.26 -30.83
C GLY A 222 9.83 0.35 -29.57
N ASP A 223 10.45 0.10 -28.40
CA ASP A 223 9.76 0.19 -27.12
C ASP A 223 9.34 1.65 -26.90
N TYR A 224 8.07 1.87 -26.53
CA TYR A 224 7.51 3.21 -26.36
C TYR A 224 7.39 3.66 -24.89
N PHE A 225 7.33 4.98 -24.66
CA PHE A 225 7.16 5.54 -23.32
C PHE A 225 5.88 6.38 -23.29
N VAL A 226 5.09 6.27 -22.21
CA VAL A 226 3.86 7.05 -22.05
C VAL A 226 3.82 7.61 -20.60
N LEU A 227 3.41 8.88 -20.41
CA LEU A 227 3.35 9.53 -19.10
C LEU A 227 2.54 8.81 -18.04
N THR A 228 2.96 8.95 -16.78
CA THR A 228 2.33 8.31 -15.64
C THR A 228 1.01 8.97 -15.24
N SER A 229 -0.03 8.80 -16.05
CA SER A 229 -1.33 9.36 -15.75
C SER A 229 -2.01 8.54 -14.66
N HIS A 230 -1.91 8.98 -13.39
CA HIS A 230 -2.51 8.25 -12.28
C HIS A 230 -3.90 8.77 -11.90
N THR A 231 -4.75 7.87 -11.40
CA THR A 231 -6.14 8.11 -10.98
C THR A 231 -6.20 9.03 -9.75
N VAL A 232 -6.97 10.14 -9.85
CA VAL A 232 -7.13 11.10 -8.73
C VAL A 232 -8.20 10.60 -7.79
N MET A 233 -7.79 10.33 -6.56
CA MET A 233 -8.69 9.83 -5.53
C MET A 233 -9.44 10.97 -4.86
N PRO A 234 -10.63 10.70 -4.34
CA PRO A 234 -11.38 11.75 -3.65
C PRO A 234 -10.74 12.07 -2.29
N LEU A 235 -10.83 13.35 -1.91
CA LEU A 235 -10.31 13.89 -0.66
C LEU A 235 -11.44 13.95 0.33
N SER A 236 -11.17 13.48 1.57
CA SER A 236 -12.13 13.41 2.67
C SER A 236 -11.71 14.30 3.83
N ALA A 237 -10.43 14.20 4.22
CA ALA A 237 -9.87 14.97 5.32
C ALA A 237 -9.57 16.44 4.97
N PRO A 238 -9.73 17.39 5.91
CA PRO A 238 -9.37 18.80 5.60
C PRO A 238 -7.85 18.98 5.36
N THR A 239 -7.45 20.09 4.71
CA THR A 239 -6.02 20.39 4.49
C THR A 239 -5.32 20.57 5.83
N LEU A 240 -6.00 21.25 6.75
CA LEU A 240 -5.63 21.51 8.13
C LEU A 240 -6.76 21.04 9.05
N VAL A 241 -6.44 20.30 10.12
CA VAL A 241 -7.49 19.91 11.09
C VAL A 241 -7.91 21.22 11.84
N PRO A 242 -9.09 21.30 12.49
CA PRO A 242 -9.42 22.54 13.23
C PRO A 242 -8.41 22.69 14.38
N GLN A 243 -7.90 23.91 14.56
CA GLN A 243 -6.90 24.17 15.59
C GLN A 243 -7.41 23.96 16.99
N GLU A 244 -6.62 23.30 17.84
CA GLU A 244 -6.94 23.12 19.24
C GLU A 244 -5.80 23.72 20.03
N HIS A 245 -6.11 24.51 21.04
CA HIS A 245 -5.10 25.07 21.91
C HIS A 245 -5.31 24.45 23.27
N TYR A 246 -4.23 24.00 23.89
CA TYR A 246 -4.31 23.35 25.20
C TYR A 246 -3.58 24.16 26.26
N VAL A 247 -3.93 23.93 27.51
CA VAL A 247 -3.37 24.61 28.69
C VAL A 247 -2.04 24.00 29.18
N ARG A 248 -1.73 22.80 28.69
CA ARG A 248 -0.55 22.05 29.04
C ARG A 248 -0.26 21.05 27.92
N ILE A 249 0.94 20.47 27.95
CA ILE A 249 1.41 19.49 26.96
C ILE A 249 0.51 18.26 27.02
N THR A 250 -0.08 17.91 25.87
CA THR A 250 -1.07 16.86 25.77
C THR A 250 -0.57 15.58 25.10
N GLY A 251 -0.66 14.45 25.79
CA GLY A 251 -0.27 13.14 25.26
C GLY A 251 1.20 12.91 24.95
N LEU A 252 2.02 13.89 25.29
CA LEU A 252 3.45 13.82 25.06
C LEU A 252 4.15 13.94 26.41
N TYR A 253 5.21 13.16 26.60
CA TYR A 253 5.93 13.17 27.87
C TYR A 253 7.38 13.66 27.67
N PRO A 254 7.65 14.93 28.12
CA PRO A 254 8.97 15.54 27.90
C PRO A 254 10.10 15.05 28.80
N THR A 255 11.35 15.50 28.54
CA THR A 255 12.47 15.23 29.45
C THR A 255 12.84 16.58 30.17
N LEU A 256 13.58 16.46 31.25
CA LEU A 256 14.15 17.60 31.96
C LEU A 256 15.65 17.64 31.54
N ASN A 257 16.28 16.45 31.45
CA ASN A 257 17.62 16.27 30.95
C ASN A 257 17.49 16.21 29.42
N ILE A 258 17.40 17.38 28.80
CA ILE A 258 17.32 17.56 27.35
C ILE A 258 18.67 18.12 26.89
N SER A 259 19.39 17.41 25.97
CA SER A 259 20.71 17.77 25.47
C SER A 259 20.87 19.27 25.17
N ASP A 260 22.00 19.88 25.60
CA ASP A 260 22.26 21.31 25.40
C ASP A 260 22.16 21.74 23.93
N GLU A 261 22.47 20.81 23.00
CA GLU A 261 22.41 20.95 21.55
C GLU A 261 21.01 21.43 21.11
N PHE A 262 19.97 20.90 21.76
CA PHE A 262 18.55 21.18 21.47
C PHE A 262 17.86 22.14 22.41
N SER A 263 18.59 22.70 23.38
CA SER A 263 18.06 23.66 24.35
C SER A 263 17.43 24.89 23.68
N SER A 264 17.94 25.31 22.51
CA SER A 264 17.39 26.47 21.82
C SER A 264 15.93 26.26 21.43
N ASN A 265 15.50 25.01 21.20
CA ASN A 265 14.14 24.74 20.78
C ASN A 265 13.22 24.25 21.86
N VAL A 266 13.58 24.30 23.14
CA VAL A 266 12.71 23.77 24.21
C VAL A 266 11.37 24.54 24.32
N ALA A 267 11.38 25.90 24.26
CA ALA A 267 10.11 26.64 24.35
C ALA A 267 9.23 26.30 23.13
N ASN A 268 9.84 26.18 21.96
CA ASN A 268 9.15 25.82 20.73
C ASN A 268 8.60 24.36 20.76
N TYR A 269 9.36 23.38 21.31
CA TYR A 269 8.88 21.99 21.44
C TYR A 269 7.71 21.92 22.41
N GLN A 270 7.67 22.80 23.42
CA GLN A 270 6.57 22.86 24.39
C GLN A 270 5.34 23.45 23.74
N LYS A 271 5.51 24.48 22.88
CA LYS A 271 4.42 25.09 22.09
C LYS A 271 3.78 23.99 21.21
N VAL A 272 4.61 23.05 20.67
CA VAL A 272 4.17 21.91 19.85
C VAL A 272 3.18 20.97 20.62
N GLY A 273 3.44 20.72 21.91
CA GLY A 273 2.59 19.89 22.75
C GLY A 273 1.36 20.60 23.30
N MET A 274 1.30 21.93 23.17
CA MET A 274 0.19 22.75 23.66
C MET A 274 -0.77 23.28 22.59
N GLN A 275 -0.69 22.69 21.39
CA GLN A 275 -1.51 23.01 20.21
C GLN A 275 -1.76 21.70 19.43
N LYS A 276 -2.83 21.64 18.62
CA LYS A 276 -3.09 20.45 17.78
C LYS A 276 -2.02 20.46 16.67
N TYR A 277 -1.87 21.58 15.98
CA TYR A 277 -0.88 21.73 14.93
C TYR A 277 -0.09 23.02 15.12
N SER A 278 1.15 23.02 14.63
CA SER A 278 2.00 24.23 14.69
C SER A 278 2.78 24.44 13.40
N THR A 279 3.06 25.72 13.07
CA THR A 279 3.82 26.08 11.88
C THR A 279 5.22 26.60 12.26
N LEU A 280 6.24 26.05 11.62
CA LEU A 280 7.61 26.50 11.85
C LEU A 280 8.17 27.09 10.53
N GLN A 281 8.49 28.41 10.52
CA GLN A 281 9.15 29.02 9.38
C GLN A 281 10.63 28.98 9.66
N GLY A 282 11.33 28.27 8.81
CA GLY A 282 12.77 28.14 8.94
C GLY A 282 13.45 28.51 7.65
N PRO A 283 13.97 29.76 7.57
CA PRO A 283 14.80 30.16 6.42
C PRO A 283 15.97 29.18 6.20
N PRO A 284 16.72 29.27 5.08
CA PRO A 284 17.82 28.31 4.87
C PRO A 284 18.84 28.25 6.00
N GLY A 285 19.22 27.03 6.39
CA GLY A 285 20.26 26.78 7.39
C GLY A 285 20.00 27.25 8.81
N THR A 286 18.73 27.47 9.13
CA THR A 286 18.34 27.94 10.47
C THR A 286 18.07 26.82 11.48
N GLY A 287 18.11 25.56 11.04
CA GLY A 287 17.95 24.42 11.93
C GLY A 287 16.63 23.69 11.85
N LYS A 288 16.04 23.53 10.66
CA LYS A 288 14.77 22.83 10.53
C LYS A 288 14.91 21.31 10.81
N SER A 289 15.89 20.63 10.20
CA SER A 289 16.07 19.20 10.42
C SER A 289 16.47 18.92 11.87
N HIS A 290 17.28 19.82 12.45
CA HIS A 290 17.74 19.76 13.83
C HIS A 290 16.52 19.89 14.75
N PHE A 291 15.62 20.83 14.46
CA PHE A 291 14.38 21.02 15.21
C PHE A 291 13.50 19.76 15.10
N ALA A 292 13.26 19.28 13.87
CA ALA A 292 12.43 18.09 13.64
C ALA A 292 12.94 16.84 14.40
N ILE A 293 14.24 16.53 14.34
CA ILE A 293 14.78 15.36 15.03
C ILE A 293 14.90 15.58 16.55
N GLY A 294 15.16 16.82 16.97
CA GLY A 294 15.24 17.17 18.37
C GLY A 294 13.91 17.10 19.12
N LEU A 295 12.83 17.19 18.39
CA LEU A 295 11.49 17.06 18.93
C LEU A 295 11.32 15.61 19.49
N ALA A 296 11.95 14.60 18.81
CA ALA A 296 11.97 13.19 19.21
C ALA A 296 12.77 12.98 20.47
N LEU A 297 13.86 13.74 20.63
CA LEU A 297 14.67 13.68 21.85
C LEU A 297 13.93 14.39 23.03
N TYR A 298 13.13 15.41 22.72
CA TYR A 298 12.35 16.10 23.72
C TYR A 298 11.16 15.30 24.20
N TYR A 299 10.46 14.59 23.31
CA TYR A 299 9.35 13.70 23.73
C TYR A 299 9.84 12.28 23.39
N PRO A 300 10.71 11.72 24.24
CA PRO A 300 11.39 10.45 23.88
C PRO A 300 10.54 9.20 23.76
N SER A 301 9.33 9.24 24.31
CA SER A 301 8.39 8.11 24.26
C SER A 301 7.43 8.18 23.05
N ALA A 302 7.26 9.40 22.48
CA ALA A 302 6.40 9.69 21.35
C ALA A 302 6.78 8.97 20.06
N ARG A 303 5.81 8.33 19.44
CA ARG A 303 5.99 7.69 18.15
C ARG A 303 5.85 8.84 17.10
N ILE A 304 6.87 9.06 16.26
CA ILE A 304 6.82 10.18 15.31
C ILE A 304 6.89 9.72 13.88
N VAL A 305 5.96 10.22 13.07
CA VAL A 305 5.98 9.94 11.66
C VAL A 305 6.50 11.21 10.97
N TYR A 306 7.59 11.06 10.22
CA TYR A 306 8.24 12.12 9.49
C TYR A 306 7.86 11.97 8.04
N THR A 307 7.22 13.00 7.48
CA THR A 307 6.75 12.98 6.12
C THR A 307 7.13 14.25 5.37
N ALA A 308 7.22 14.14 4.05
CA ALA A 308 7.52 15.20 3.07
C ALA A 308 7.08 14.68 1.69
N CYS A 309 6.93 15.56 0.70
CA CYS A 309 6.47 15.12 -0.62
C CYS A 309 7.55 14.37 -1.38
N SER A 310 8.80 14.85 -1.31
CA SER A 310 9.89 14.24 -2.04
C SER A 310 10.70 13.20 -1.26
N HIS A 311 11.32 12.28 -2.00
CA HIS A 311 12.21 11.28 -1.41
C HIS A 311 13.43 11.95 -0.83
N ALA A 312 13.95 13.02 -1.49
CA ALA A 312 15.10 13.79 -1.01
C ALA A 312 14.83 14.41 0.38
N ALA A 313 13.65 15.03 0.56
CA ALA A 313 13.29 15.63 1.86
C ALA A 313 13.17 14.62 2.96
N VAL A 314 12.59 13.44 2.66
CA VAL A 314 12.44 12.36 3.64
C VAL A 314 13.85 11.82 4.02
N ASP A 315 14.74 11.61 3.02
CA ASP A 315 16.13 11.15 3.20
C ASP A 315 16.98 12.14 4.02
N ALA A 316 16.77 13.45 3.84
CA ALA A 316 17.47 14.45 4.62
C ALA A 316 17.03 14.37 6.12
N LEU A 317 15.76 13.97 6.39
CA LEU A 317 15.31 13.77 7.78
C LEU A 317 15.92 12.46 8.37
N CYS A 318 16.10 11.44 7.51
CA CYS A 318 16.72 10.16 7.87
C CYS A 318 18.20 10.39 8.26
N GLU A 319 18.93 11.26 7.51
CA GLU A 319 20.33 11.55 7.81
C GLU A 319 20.49 12.21 9.17
N LYS A 320 19.57 13.14 9.52
CA LYS A 320 19.61 13.81 10.81
C LYS A 320 19.23 12.81 11.92
N ALA A 321 18.24 11.92 11.67
CA ALA A 321 17.82 10.90 12.65
C ALA A 321 18.92 9.89 12.92
N LEU A 322 19.66 9.53 11.89
CA LEU A 322 20.74 8.57 11.95
C LEU A 322 21.81 9.01 12.99
N LYS A 323 22.06 10.33 13.07
CA LYS A 323 23.00 10.94 14.01
C LYS A 323 22.48 11.03 15.48
N TYR A 324 21.14 11.22 15.71
CA TYR A 324 20.64 11.44 17.07
C TYR A 324 19.71 10.40 17.66
N LEU A 325 18.97 9.71 16.81
CA LEU A 325 17.97 8.75 17.24
C LEU A 325 18.44 7.31 17.07
N PRO A 326 18.01 6.41 17.96
CA PRO A 326 18.41 4.99 17.86
C PRO A 326 17.96 4.32 16.55
N ILE A 327 18.91 3.81 15.76
CA ILE A 327 18.68 3.21 14.42
C ILE A 327 17.69 2.01 14.43
N ASP A 328 17.63 1.24 15.53
CA ASP A 328 16.69 0.11 15.62
C ASP A 328 15.22 0.54 15.71
N LYS A 329 14.94 1.79 16.14
CA LYS A 329 13.56 2.28 16.20
C LYS A 329 13.16 3.14 14.98
N CYS A 330 14.00 3.13 13.92
CA CYS A 330 13.72 3.85 12.67
C CYS A 330 13.39 2.92 11.53
N SER A 331 12.54 3.41 10.65
CA SER A 331 12.16 2.69 9.47
C SER A 331 11.87 3.66 8.34
N ARG A 332 12.48 3.40 7.17
CA ARG A 332 12.24 4.19 5.97
C ARG A 332 11.20 3.41 5.10
N ILE A 333 9.96 3.94 4.94
CA ILE A 333 8.91 3.28 4.15
C ILE A 333 9.18 3.55 2.68
N ILE A 334 9.29 2.47 1.89
CA ILE A 334 9.57 2.55 0.46
C ILE A 334 8.42 1.92 -0.32
N PRO A 335 7.79 2.69 -1.24
CA PRO A 335 6.69 2.13 -2.03
C PRO A 335 7.16 0.96 -2.88
N ALA A 336 6.38 -0.14 -2.91
CA ALA A 336 6.69 -1.36 -3.65
C ALA A 336 7.13 -1.06 -5.11
N ARG A 337 6.55 0.02 -5.72
CA ARG A 337 6.94 0.51 -7.04
C ARG A 337 8.05 1.56 -6.82
N ALA A 338 9.24 1.09 -6.38
CA ALA A 338 10.43 1.89 -6.06
C ALA A 338 10.92 2.71 -7.26
N ARG A 339 10.61 4.02 -7.23
CA ARG A 339 10.91 5.00 -8.27
C ARG A 339 12.42 5.36 -8.34
N VAL A 340 13.01 5.92 -7.27
CA VAL A 340 14.43 6.28 -7.26
C VAL A 340 15.17 5.70 -6.04
N GLU A 341 16.51 5.70 -6.07
CA GLU A 341 17.38 5.26 -4.99
C GLU A 341 17.19 6.23 -3.82
N CYS A 342 16.90 5.69 -2.63
CA CYS A 342 16.72 6.52 -1.45
C CYS A 342 17.49 5.94 -0.22
N PHE A 343 17.15 6.38 1.00
CA PHE A 343 17.80 6.00 2.24
C PHE A 343 17.82 4.50 2.53
N ASP A 344 19.03 3.93 2.68
CA ASP A 344 19.27 2.50 2.89
C ASP A 344 19.76 2.10 4.27
N LYS A 345 19.83 3.02 5.26
CA LYS A 345 20.42 2.68 6.56
C LYS A 345 19.41 2.25 7.64
N PHE A 346 18.10 2.47 7.44
CA PHE A 346 17.09 2.02 8.40
C PHE A 346 16.45 0.73 7.89
N LYS A 347 15.80 -0.07 8.78
CA LYS A 347 15.07 -1.27 8.34
C LYS A 347 13.89 -0.79 7.46
N VAL A 348 13.79 -1.33 6.24
CA VAL A 348 12.78 -0.88 5.28
C VAL A 348 11.39 -1.51 5.49
N ASN A 349 10.34 -0.66 5.42
CA ASN A 349 8.92 -1.04 5.43
C ASN A 349 8.39 -1.59 6.75
N SER A 350 8.99 -1.19 7.88
CA SER A 350 8.48 -1.60 9.19
C SER A 350 7.63 -0.46 9.74
N THR A 351 6.35 -0.41 9.36
CA THR A 351 5.34 0.58 9.75
C THR A 351 5.19 0.79 11.29
N LEU A 352 5.53 -0.24 12.06
CA LEU A 352 5.35 -0.23 13.51
C LEU A 352 6.50 0.39 14.32
N GLU A 353 7.67 0.70 13.68
CA GLU A 353 8.81 1.30 14.41
C GLU A 353 8.44 2.66 14.99
N GLN A 354 9.07 3.06 16.09
CA GLN A 354 8.78 4.33 16.74
C GLN A 354 8.93 5.55 15.79
N TYR A 355 9.95 5.51 14.92
CA TYR A 355 10.21 6.56 13.97
C TYR A 355 10.04 6.04 12.57
N VAL A 356 9.10 6.63 11.83
CA VAL A 356 8.75 6.21 10.48
C VAL A 356 8.96 7.38 9.53
N PHE A 357 9.80 7.19 8.52
CA PHE A 357 10.14 8.22 7.57
C PHE A 357 9.57 7.76 6.23
N CYS A 358 8.65 8.57 5.64
CA CYS A 358 7.93 8.17 4.43
C CYS A 358 7.43 9.36 3.61
N THR A 359 7.46 9.26 2.27
CA THR A 359 6.91 10.32 1.42
C THR A 359 5.35 10.33 1.59
N VAL A 360 4.69 11.48 1.38
CA VAL A 360 3.22 11.58 1.52
C VAL A 360 2.45 10.50 0.72
N ASN A 361 2.75 10.36 -0.61
CA ASN A 361 2.07 9.40 -1.52
C ASN A 361 2.26 7.93 -1.14
N ALA A 362 3.19 7.61 -0.22
CA ALA A 362 3.44 6.23 0.24
C ALA A 362 3.01 5.97 1.70
N LEU A 363 2.48 6.99 2.40
CA LEU A 363 2.08 6.87 3.79
C LEU A 363 1.10 5.77 4.03
N PRO A 364 1.39 4.92 5.02
CA PRO A 364 0.39 3.90 5.40
C PRO A 364 -0.72 4.53 6.26
N GLU A 365 -1.80 3.77 6.46
CA GLU A 365 -2.89 4.22 7.31
C GLU A 365 -2.52 3.82 8.73
N THR A 366 -2.12 4.82 9.52
CA THR A 366 -1.64 4.62 10.88
C THR A 366 -1.91 5.89 11.76
N THR A 367 -1.50 5.83 13.02
CA THR A 367 -1.61 6.93 13.96
C THR A 367 -0.21 7.24 14.52
N ALA A 368 -0.07 8.41 15.16
CA ALA A 368 1.20 8.86 15.75
C ALA A 368 0.95 9.87 16.87
N ASP A 369 1.93 10.04 17.76
CA ASP A 369 1.82 11.07 18.81
C ASP A 369 2.14 12.44 18.18
N ILE A 370 3.09 12.47 17.22
CA ILE A 370 3.45 13.65 16.44
C ILE A 370 3.64 13.22 15.00
N VAL A 371 3.11 14.01 14.09
CA VAL A 371 3.39 13.88 12.67
C VAL A 371 4.20 15.14 12.35
N VAL A 372 5.39 14.99 11.75
CA VAL A 372 6.20 16.12 11.31
C VAL A 372 6.11 16.13 9.77
N PHE A 373 5.68 17.24 9.15
CA PHE A 373 5.59 17.39 7.70
C PHE A 373 6.58 18.51 7.31
N ASP A 374 7.70 18.11 6.68
CA ASP A 374 8.78 19.01 6.28
C ASP A 374 8.62 19.48 4.83
N GLU A 375 9.38 20.55 4.44
CA GLU A 375 9.39 21.19 3.13
C GLU A 375 7.94 21.55 2.73
N ILE A 376 7.24 22.25 3.66
CA ILE A 376 5.83 22.59 3.55
C ILE A 376 5.52 23.50 2.36
N SER A 377 6.47 24.30 1.85
CA SER A 377 6.19 25.12 0.66
C SER A 377 5.99 24.23 -0.62
N MET A 378 6.56 23.01 -0.63
CA MET A 378 6.42 22.04 -1.73
C MET A 378 5.13 21.20 -1.68
N ALA A 379 4.33 21.36 -0.62
CA ALA A 379 3.10 20.63 -0.50
C ALA A 379 2.00 21.38 -1.21
N THR A 380 1.05 20.63 -1.74
CA THR A 380 -0.18 21.17 -2.31
C THR A 380 -1.27 20.88 -1.27
N ASN A 381 -2.46 21.46 -1.47
CA ASN A 381 -3.58 21.19 -0.59
C ASN A 381 -4.03 19.71 -0.67
N TYR A 382 -3.80 19.06 -1.83
CA TYR A 382 -4.08 17.67 -2.06
C TYR A 382 -3.20 16.84 -1.09
N ASP A 383 -1.87 17.13 -1.03
CA ASP A 383 -0.90 16.49 -0.12
C ASP A 383 -1.28 16.74 1.36
N LEU A 384 -1.66 17.99 1.70
CA LEU A 384 -2.08 18.38 3.05
C LEU A 384 -3.25 17.52 3.50
N SER A 385 -4.24 17.32 2.61
CA SER A 385 -5.43 16.53 2.87
C SER A 385 -5.12 15.03 3.03
N VAL A 386 -4.27 14.45 2.14
CA VAL A 386 -3.85 13.05 2.17
C VAL A 386 -3.21 12.73 3.50
N VAL A 387 -2.31 13.59 3.99
CA VAL A 387 -1.67 13.40 5.30
C VAL A 387 -2.73 13.35 6.42
N ASN A 388 -3.75 14.24 6.40
CA ASN A 388 -4.78 14.22 7.43
C ASN A 388 -5.68 12.95 7.37
N ALA A 389 -5.79 12.33 6.18
CA ALA A 389 -6.58 11.13 5.94
C ALA A 389 -5.82 9.83 6.29
N ARG A 390 -4.49 9.76 6.04
CA ARG A 390 -3.72 8.54 6.34
C ARG A 390 -3.12 8.52 7.75
N LEU A 391 -2.91 9.70 8.35
CA LEU A 391 -2.34 9.79 9.68
C LEU A 391 -3.26 10.50 10.71
N ARG A 392 -3.62 9.79 11.79
CA ARG A 392 -4.40 10.39 12.88
C ARG A 392 -3.45 10.63 14.06
N ALA A 393 -3.05 11.91 14.27
CA ALA A 393 -2.06 12.25 15.29
C ALA A 393 -2.54 13.18 16.43
N LYS A 394 -1.85 13.10 17.59
CA LYS A 394 -2.15 14.00 18.69
C LYS A 394 -1.69 15.42 18.32
N HIS A 395 -0.52 15.51 17.64
CA HIS A 395 0.10 16.76 17.20
C HIS A 395 0.62 16.67 15.79
N TYR A 396 0.50 17.77 15.04
CA TYR A 396 0.98 17.88 13.66
C TYR A 396 1.90 19.10 13.61
N VAL A 397 3.11 18.93 13.08
CA VAL A 397 4.05 20.04 12.97
C VAL A 397 4.38 20.24 11.50
N TYR A 398 4.19 21.46 10.99
CA TYR A 398 4.47 21.79 9.60
C TYR A 398 5.68 22.65 9.57
N ILE A 399 6.74 22.13 8.98
CA ILE A 399 8.02 22.82 8.85
C ILE A 399 8.31 23.15 7.38
N GLY A 400 8.81 24.35 7.16
CA GLY A 400 9.16 24.82 5.83
C GLY A 400 9.40 26.30 5.82
N ASP A 401 9.28 26.89 4.64
CA ASP A 401 9.54 28.30 4.46
C ASP A 401 8.77 28.78 3.22
N PRO A 402 7.78 29.69 3.42
CA PRO A 402 7.04 30.23 2.27
C PRO A 402 7.87 31.14 1.36
N ALA A 403 9.10 31.49 1.76
CA ALA A 403 10.08 32.23 0.93
C ALA A 403 10.96 31.26 0.07
N GLN A 404 10.70 29.95 0.15
CA GLN A 404 11.35 28.97 -0.69
C GLN A 404 10.37 28.52 -1.81
N LEU A 405 10.81 27.63 -2.68
CA LEU A 405 10.05 27.22 -3.84
C LEU A 405 8.81 26.33 -3.56
N PRO A 406 7.71 26.61 -4.30
CA PRO A 406 6.52 25.78 -4.18
C PRO A 406 6.55 24.59 -5.18
N ALA A 407 5.53 23.71 -5.06
CA ALA A 407 5.34 22.60 -5.97
C ALA A 407 5.02 23.17 -7.35
N PRO A 408 5.62 22.58 -8.39
CA PRO A 408 5.33 23.05 -9.76
C PRO A 408 3.86 22.89 -10.15
N ARG A 409 3.26 23.93 -10.73
CA ARG A 409 1.86 23.88 -11.16
C ARG A 409 1.89 23.82 -12.67
N THR A 410 1.94 22.60 -13.20
CA THR A 410 2.05 22.34 -14.63
C THR A 410 1.01 23.07 -15.47
N LEU A 411 -0.24 23.20 -15.00
CA LEU A 411 -1.27 23.88 -15.78
C LEU A 411 -1.15 25.40 -15.77
N LEU A 412 -0.58 25.96 -14.70
CA LEU A 412 -0.46 27.41 -14.55
C LEU A 412 0.55 28.06 -15.51
N THR A 413 0.03 28.90 -16.42
CA THR A 413 0.81 29.61 -17.42
C THR A 413 0.60 31.14 -17.37
N LYS A 414 -0.51 31.60 -16.80
CA LYS A 414 -0.82 33.02 -16.74
C LYS A 414 -0.89 33.56 -15.32
N GLY A 415 0.10 34.34 -14.93
CA GLY A 415 0.15 34.93 -13.61
C GLY A 415 1.21 34.28 -12.76
N THR A 416 1.55 34.95 -11.67
CA THR A 416 2.54 34.43 -10.73
C THR A 416 1.79 34.07 -9.46
N LEU A 417 2.09 32.90 -8.91
CA LEU A 417 1.48 32.44 -7.67
C LEU A 417 2.27 32.90 -6.45
N GLU A 418 1.71 33.82 -5.65
CA GLU A 418 2.35 34.32 -4.44
C GLU A 418 2.39 33.28 -3.30
N PRO A 419 3.44 33.35 -2.40
CA PRO A 419 3.57 32.38 -1.29
C PRO A 419 2.35 32.15 -0.41
N GLU A 420 1.55 33.19 -0.17
CA GLU A 420 0.32 33.03 0.60
C GLU A 420 -0.73 32.14 -0.07
N TYR A 421 -0.46 31.67 -1.29
CA TYR A 421 -1.38 30.84 -2.03
C TYR A 421 -0.79 29.45 -2.37
N PHE A 422 0.41 29.09 -1.83
CA PHE A 422 1.04 27.80 -2.10
C PHE A 422 0.21 26.68 -1.53
N ASN A 423 -0.24 26.84 -0.31
CA ASN A 423 -1.10 25.86 0.37
C ASN A 423 -1.67 26.53 1.63
N SER A 424 -2.52 25.80 2.38
CA SER A 424 -3.17 26.34 3.57
C SER A 424 -2.18 26.72 4.65
N VAL A 425 -1.10 25.93 4.79
CA VAL A 425 -0.09 26.16 5.80
C VAL A 425 0.65 27.46 5.46
N CYS A 426 1.05 27.61 4.18
CA CYS A 426 1.75 28.82 3.69
C CYS A 426 0.88 30.02 3.77
N ARG A 427 -0.42 29.87 3.52
CA ARG A 427 -1.36 30.97 3.64
C ARG A 427 -1.35 31.49 5.10
N LEU A 428 -1.41 30.57 6.06
CA LEU A 428 -1.34 30.93 7.46
C LEU A 428 -0.04 31.65 7.80
N MET A 429 1.13 31.08 7.41
CA MET A 429 2.43 31.71 7.69
C MET A 429 2.61 33.12 7.10
N LYS A 430 1.98 33.40 5.95
CA LYS A 430 2.11 34.72 5.32
C LYS A 430 1.07 35.73 5.81
N THR A 431 -0.02 35.26 6.42
CA THR A 431 -1.07 36.16 6.89
C THR A 431 -0.96 36.40 8.42
N ILE A 432 -1.20 35.35 9.23
CA ILE A 432 -1.14 35.43 10.70
C ILE A 432 0.27 35.18 11.27
N GLY A 433 1.24 34.87 10.41
CA GLY A 433 2.60 34.58 10.82
C GLY A 433 2.77 33.13 11.26
N PRO A 434 4.01 32.63 11.24
CA PRO A 434 4.24 31.27 11.73
C PRO A 434 4.18 31.23 13.28
N ASP A 435 3.92 30.05 13.84
CA ASP A 435 3.91 29.91 15.30
C ASP A 435 5.36 30.03 15.80
N MET A 436 6.31 29.43 15.06
CA MET A 436 7.71 29.47 15.46
C MET A 436 8.57 29.94 14.27
N PHE A 437 9.61 30.76 14.52
CA PHE A 437 10.53 31.24 13.45
C PHE A 437 11.96 30.99 13.86
N LEU A 438 12.73 30.26 13.03
CA LEU A 438 14.14 30.04 13.31
C LEU A 438 14.91 31.26 12.69
N GLY A 439 15.34 32.17 13.53
CA GLY A 439 15.90 33.44 13.10
C GLY A 439 17.39 33.54 12.85
N THR A 440 18.16 32.47 13.08
CA THR A 440 19.62 32.54 12.85
C THR A 440 20.11 31.56 11.79
N CYS A 441 20.55 32.09 10.65
CA CYS A 441 21.10 31.27 9.57
C CYS A 441 22.52 30.90 9.93
N ARG A 442 22.80 29.62 10.06
CA ARG A 442 24.16 29.18 10.41
C ARG A 442 24.96 28.66 9.22
N ARG A 443 24.37 28.59 8.03
CA ARG A 443 25.05 28.06 6.88
C ARG A 443 25.82 29.10 6.07
N CYS A 444 25.17 30.21 5.73
CA CYS A 444 25.68 31.13 4.74
C CYS A 444 26.59 32.19 5.24
N PRO A 445 27.59 32.57 4.40
CA PRO A 445 28.40 33.76 4.71
C PRO A 445 27.47 34.98 4.85
N ALA A 446 27.78 35.90 5.75
CA ALA A 446 26.92 37.05 6.01
C ALA A 446 26.44 37.83 4.78
N GLU A 447 27.24 37.99 3.69
CA GLU A 447 26.80 38.70 2.46
C GLU A 447 25.49 38.13 1.92
N ILE A 448 25.40 36.78 1.89
CA ILE A 448 24.20 36.06 1.47
C ILE A 448 23.06 36.20 2.46
N VAL A 449 23.34 36.05 3.78
CA VAL A 449 22.28 36.20 4.78
C VAL A 449 21.64 37.60 4.73
N ASP A 450 22.47 38.65 4.64
CA ASP A 450 22.02 40.04 4.62
C ASP A 450 21.19 40.33 3.38
N THR A 451 21.54 39.70 2.22
CA THR A 451 20.80 39.90 0.97
C THR A 451 19.37 39.30 1.04
N VAL A 452 19.25 37.99 1.42
CA VAL A 452 17.95 37.31 1.50
C VAL A 452 17.12 37.83 2.67
N SER A 453 17.75 38.18 3.80
CA SER A 453 17.07 38.78 4.94
C SER A 453 16.27 40.04 4.50
N ALA A 454 16.90 40.91 3.69
CA ALA A 454 16.24 42.09 3.18
C ALA A 454 15.21 41.74 2.08
N LEU A 455 15.55 40.80 1.20
CA LEU A 455 14.72 40.39 0.08
C LEU A 455 13.40 39.71 0.45
N VAL A 456 13.42 38.66 1.31
CA VAL A 456 12.21 37.87 1.61
C VAL A 456 11.86 37.70 3.09
N TYR A 457 12.72 38.16 4.01
CA TYR A 457 12.49 37.91 5.44
C TYR A 457 12.25 39.14 6.29
N ASP A 458 11.95 40.30 5.67
CA ASP A 458 11.72 41.58 6.36
C ASP A 458 12.81 41.91 7.40
N ASN A 459 14.08 41.64 7.06
CA ASN A 459 15.25 41.91 7.89
C ASN A 459 15.24 41.17 9.22
N LYS A 460 14.55 40.03 9.31
CA LYS A 460 14.49 39.24 10.55
C LYS A 460 15.44 38.05 10.55
N LEU A 461 16.13 37.78 9.40
CA LEU A 461 17.05 36.67 9.35
C LEU A 461 18.45 37.23 9.76
N LYS A 462 19.06 36.61 10.77
CA LYS A 462 20.37 37.05 11.24
C LYS A 462 21.47 36.11 10.77
N ALA A 463 22.69 36.65 10.52
CA ALA A 463 23.81 35.80 10.07
C ALA A 463 24.59 35.31 11.24
N HIS A 464 24.88 34.02 11.30
CA HIS A 464 25.73 33.47 12.35
C HIS A 464 27.21 33.56 11.88
N LYS A 465 27.46 33.28 10.59
CA LYS A 465 28.79 33.36 10.05
C LYS A 465 29.15 34.82 9.78
N ASP A 466 30.45 35.08 9.70
CA ASP A 466 30.97 36.38 9.30
C ASP A 466 30.84 36.43 7.75
N LYS A 467 31.09 37.61 7.16
CA LYS A 467 31.17 37.73 5.71
C LYS A 467 32.38 36.88 5.25
N SER A 468 32.19 36.00 4.27
CA SER A 468 33.26 35.13 3.82
C SER A 468 34.30 35.85 2.98
N ALA A 469 33.91 37.00 2.33
CA ALA A 469 34.69 37.75 1.34
C ALA A 469 34.94 36.91 0.06
N GLN A 470 34.05 35.93 -0.18
CA GLN A 470 34.07 35.02 -1.31
C GLN A 470 32.72 35.05 -2.04
N CYS A 471 31.96 36.16 -1.96
CA CYS A 471 30.67 36.26 -2.61
C CYS A 471 30.80 37.34 -3.64
N PHE A 472 30.67 36.94 -4.92
CA PHE A 472 30.87 37.81 -6.06
C PHE A 472 29.65 37.91 -6.93
N LYS A 473 29.53 39.04 -7.60
CA LYS A 473 28.43 39.30 -8.48
C LYS A 473 28.99 39.94 -9.75
N MET A 474 28.42 39.56 -10.89
CA MET A 474 28.86 40.11 -12.15
C MET A 474 27.65 40.37 -13.00
N PHE A 475 27.50 41.59 -13.48
CA PHE A 475 26.36 41.95 -14.28
C PHE A 475 26.75 41.67 -15.74
N TYR A 476 26.17 40.64 -16.34
CA TYR A 476 26.54 40.25 -17.71
C TYR A 476 25.37 39.58 -18.41
N LYS A 477 24.68 40.29 -19.30
CA LYS A 477 23.49 39.75 -19.95
C LYS A 477 23.79 38.61 -20.95
N GLY A 478 24.99 38.60 -21.54
CA GLY A 478 25.39 37.55 -22.47
C GLY A 478 24.49 37.46 -23.67
N VAL A 479 24.19 36.22 -24.12
CA VAL A 479 23.37 35.92 -25.28
C VAL A 479 22.44 34.78 -24.93
N ILE A 480 21.13 35.01 -25.07
CA ILE A 480 20.14 34.01 -24.71
C ILE A 480 19.71 33.19 -25.89
N THR A 481 20.03 31.91 -25.86
CA THR A 481 19.57 30.98 -26.87
C THR A 481 18.51 30.07 -26.20
N HIS A 482 17.76 29.27 -26.95
CA HIS A 482 16.76 28.38 -26.37
C HIS A 482 16.76 26.96 -26.99
N ASP A 483 16.50 25.96 -26.14
CA ASP A 483 16.35 24.54 -26.47
C ASP A 483 14.86 24.34 -26.24
N VAL A 484 14.08 24.62 -27.29
CA VAL A 484 12.62 24.63 -27.26
C VAL A 484 12.22 25.94 -26.49
N SER A 485 12.15 25.88 -25.16
CA SER A 485 11.85 27.02 -24.32
C SER A 485 12.82 27.15 -23.13
N SER A 486 13.54 26.03 -22.79
CA SER A 486 14.52 26.05 -21.73
C SER A 486 15.71 26.89 -22.29
N ALA A 487 16.13 27.88 -21.52
CA ALA A 487 17.12 28.85 -21.94
C ALA A 487 18.60 28.46 -21.72
N ILE A 488 19.47 28.99 -22.56
CA ILE A 488 20.92 28.80 -22.53
C ILE A 488 21.59 30.17 -22.68
N ASN A 489 22.68 30.39 -21.98
CA ASN A 489 23.44 31.61 -22.09
C ASN A 489 24.91 31.19 -22.11
N ARG A 490 25.43 30.83 -23.30
CA ARG A 490 26.83 30.40 -23.46
C ARG A 490 27.82 31.49 -23.01
N PRO A 491 27.64 32.80 -23.35
CA PRO A 491 28.58 33.81 -22.83
C PRO A 491 28.65 33.88 -21.28
N GLN A 492 27.55 33.58 -20.53
CA GLN A 492 27.62 33.56 -19.05
C GLN A 492 28.44 32.37 -18.56
N ILE A 493 28.36 31.22 -19.26
CA ILE A 493 29.21 30.05 -18.98
C ILE A 493 30.72 30.34 -19.37
N GLY A 494 30.93 31.22 -20.36
CA GLY A 494 32.23 31.66 -20.81
C GLY A 494 32.90 32.51 -19.76
N VAL A 495 32.12 33.37 -19.09
CA VAL A 495 32.58 34.20 -17.97
C VAL A 495 32.97 33.29 -16.77
N VAL A 496 32.20 32.24 -16.49
CA VAL A 496 32.48 31.30 -15.42
C VAL A 496 33.78 30.56 -15.70
N ARG A 497 33.95 30.10 -16.95
CA ARG A 497 35.16 29.41 -17.38
C ARG A 497 36.42 30.30 -17.15
N GLU A 498 36.35 31.58 -17.55
CA GLU A 498 37.41 32.56 -17.36
C GLU A 498 37.70 32.82 -15.86
N PHE A 499 36.65 32.79 -15.05
CA PHE A 499 36.76 32.96 -13.60
C PHE A 499 37.42 31.73 -12.92
N LEU A 500 37.04 30.49 -13.32
CA LEU A 500 37.59 29.27 -12.74
C LEU A 500 39.11 29.15 -12.91
N THR A 501 39.62 29.64 -14.07
CA THR A 501 41.06 29.63 -14.35
C THR A 501 41.79 30.48 -13.32
N ARG A 502 41.21 31.65 -12.97
CA ARG A 502 41.78 32.58 -12.00
C ARG A 502 41.47 32.26 -10.54
N ASN A 503 40.51 31.36 -10.30
CA ASN A 503 40.10 30.99 -8.95
C ASN A 503 39.98 29.47 -8.81
N PRO A 504 41.14 28.76 -8.85
CA PRO A 504 41.13 27.29 -8.77
C PRO A 504 40.43 26.67 -7.57
N ALA A 505 40.34 27.40 -6.43
CA ALA A 505 39.61 26.87 -5.27
C ALA A 505 38.13 26.59 -5.63
N TRP A 506 37.62 27.32 -6.62
CA TRP A 506 36.24 27.19 -7.09
C TRP A 506 36.02 25.98 -7.95
N ARG A 507 37.06 25.14 -8.19
CA ARG A 507 37.00 23.89 -8.95
C ARG A 507 35.98 22.92 -8.35
N LYS A 508 35.78 22.99 -7.04
CA LYS A 508 34.87 22.14 -6.27
C LYS A 508 33.43 22.75 -6.19
N ALA A 509 33.14 23.80 -6.99
CA ALA A 509 31.83 24.46 -6.95
C ALA A 509 30.77 23.68 -7.69
N VAL A 510 29.51 23.89 -7.28
CA VAL A 510 28.33 23.35 -7.90
C VAL A 510 27.79 24.44 -8.77
N PHE A 511 27.53 24.13 -10.05
CA PHE A 511 26.96 25.07 -10.99
C PHE A 511 25.43 25.03 -10.83
N ILE A 512 24.80 26.19 -10.64
CA ILE A 512 23.36 26.32 -10.48
C ILE A 512 22.79 27.37 -11.45
N SER A 513 21.64 27.08 -12.03
CA SER A 513 20.95 27.99 -12.93
C SER A 513 19.45 27.69 -12.90
N PRO A 514 18.59 28.63 -13.33
CA PRO A 514 17.15 28.34 -13.36
C PRO A 514 16.73 27.40 -14.51
N TYR A 515 17.66 27.01 -15.41
CA TYR A 515 17.31 26.18 -16.58
C TYR A 515 18.12 24.90 -16.74
N ASN A 516 17.45 23.78 -17.00
CA ASN A 516 18.11 22.51 -17.23
C ASN A 516 19.06 22.55 -18.46
N SER A 517 18.65 23.24 -19.54
CA SER A 517 19.49 23.31 -20.73
C SER A 517 20.74 24.13 -20.52
N GLN A 518 20.69 25.17 -19.67
CA GLN A 518 21.85 25.95 -19.33
C GLN A 518 22.86 25.04 -18.57
N ASN A 519 22.35 24.24 -17.62
CA ASN A 519 23.07 23.26 -16.81
C ASN A 519 23.74 22.18 -17.68
N ALA A 520 23.08 21.75 -18.76
CA ALA A 520 23.62 20.72 -19.65
C ALA A 520 24.84 21.25 -20.39
N VAL A 521 24.74 22.51 -20.87
CA VAL A 521 25.85 23.20 -21.54
C VAL A 521 27.01 23.46 -20.55
N ALA A 522 26.71 23.92 -19.32
CA ALA A 522 27.74 24.17 -18.33
C ALA A 522 28.42 22.88 -17.88
N SER A 523 27.70 21.74 -17.87
CA SER A 523 28.31 20.47 -17.47
C SER A 523 29.40 20.05 -18.45
N LYS A 524 29.15 20.21 -19.75
CA LYS A 524 30.14 19.88 -20.76
C LYS A 524 31.33 20.88 -20.79
N ILE A 525 31.03 22.19 -20.76
CA ILE A 525 32.07 23.22 -20.83
C ILE A 525 32.91 23.39 -19.54
N LEU A 526 32.26 23.31 -18.38
CA LEU A 526 32.96 23.51 -17.11
C LEU A 526 33.36 22.21 -16.40
N GLY A 527 32.56 21.17 -16.59
CA GLY A 527 32.80 19.89 -15.93
C GLY A 527 32.36 19.88 -14.48
N LEU A 528 31.78 21.01 -13.96
CA LEU A 528 31.27 21.16 -12.59
C LEU A 528 29.98 20.37 -12.47
N PRO A 529 29.68 19.81 -11.27
CA PRO A 529 28.37 19.19 -11.08
C PRO A 529 27.30 20.28 -11.16
N THR A 530 26.17 19.90 -11.71
CA THR A 530 25.09 20.77 -12.07
C THR A 530 23.83 20.56 -11.18
N GLN A 531 23.02 21.62 -11.01
CA GLN A 531 21.82 21.56 -10.22
C GLN A 531 20.91 22.72 -10.62
N THR A 532 19.58 22.49 -10.85
CA THR A 532 18.67 23.61 -11.11
C THR A 532 18.38 24.23 -9.77
N VAL A 533 17.87 25.48 -9.71
CA VAL A 533 17.51 26.08 -8.41
C VAL A 533 16.50 25.20 -7.66
N ASP A 534 15.49 24.69 -8.39
CA ASP A 534 14.44 23.86 -7.86
C ASP A 534 14.98 22.53 -7.31
N SER A 535 15.94 21.89 -8.00
CA SER A 535 16.53 20.64 -7.48
C SER A 535 17.63 20.89 -6.40
N SER A 536 18.08 22.14 -6.24
CA SER A 536 19.09 22.46 -5.22
C SER A 536 18.47 22.70 -3.84
N GLN A 537 17.15 23.01 -3.78
CA GLN A 537 16.42 23.25 -2.53
C GLN A 537 16.61 22.10 -1.54
N GLY A 538 16.94 22.48 -0.31
CA GLY A 538 17.23 21.56 0.79
C GLY A 538 18.68 21.13 0.91
N SER A 539 19.49 21.32 -0.17
CA SER A 539 20.91 20.93 -0.21
C SER A 539 21.86 22.12 0.06
N GLU A 540 23.09 21.84 0.49
CA GLU A 540 24.08 22.87 0.72
C GLU A 540 25.43 22.44 0.17
N TYR A 541 26.18 23.40 -0.35
CA TYR A 541 27.48 23.20 -0.98
C TYR A 541 28.43 24.31 -0.53
N ASP A 542 29.75 24.02 -0.48
CA ASP A 542 30.73 25.04 -0.09
C ASP A 542 30.73 26.22 -1.05
N TYR A 543 30.78 25.92 -2.34
CA TYR A 543 30.80 26.95 -3.37
C TYR A 543 29.72 26.73 -4.37
N VAL A 544 29.14 27.82 -4.82
CA VAL A 544 28.05 27.80 -5.75
C VAL A 544 28.34 28.78 -6.85
N ILE A 545 28.19 28.36 -8.10
CA ILE A 545 28.32 29.27 -9.22
C ILE A 545 26.95 29.34 -9.84
N PHE A 546 26.31 30.50 -9.77
CA PHE A 546 24.99 30.72 -10.28
C PHE A 546 24.98 31.59 -11.52
N THR A 547 24.41 31.12 -12.64
CA THR A 547 24.22 32.00 -13.82
C THR A 547 22.70 32.19 -13.95
N GLN A 548 22.23 33.45 -13.88
CA GLN A 548 20.82 33.74 -13.99
C GLN A 548 20.21 33.34 -15.33
N THR A 549 21.01 33.24 -16.39
CA THR A 549 20.64 32.81 -17.77
C THR A 549 19.73 33.83 -18.52
N THR A 550 18.53 34.20 -17.98
CA THR A 550 17.58 35.13 -18.63
C THR A 550 17.08 36.21 -17.64
N GLU A 551 16.21 37.12 -18.13
CA GLU A 551 15.49 38.12 -17.38
C GLU A 551 13.99 37.81 -17.41
N THR A 552 13.63 36.54 -17.27
CA THR A 552 12.21 36.15 -17.25
C THR A 552 11.65 36.26 -15.82
N ALA A 553 10.33 36.17 -15.68
CA ALA A 553 9.68 36.12 -14.39
C ALA A 553 10.16 34.86 -13.59
N HIS A 554 10.50 33.76 -14.30
CA HIS A 554 11.00 32.53 -13.74
C HIS A 554 12.40 32.74 -13.11
N SER A 555 13.36 33.27 -13.90
CA SER A 555 14.70 33.49 -13.40
C SER A 555 14.77 34.66 -12.40
N CYS A 556 13.80 35.58 -12.43
CA CYS A 556 13.75 36.71 -11.50
C CYS A 556 12.94 36.46 -10.26
N ASN A 557 12.30 35.29 -10.13
CA ASN A 557 11.45 34.99 -8.99
C ASN A 557 12.25 35.10 -7.67
N VAL A 558 11.80 35.96 -6.73
CA VAL A 558 12.53 36.17 -5.50
C VAL A 558 12.63 34.91 -4.64
N ASN A 559 11.66 33.98 -4.67
CA ASN A 559 11.76 32.73 -3.89
C ASN A 559 12.85 31.83 -4.47
N ARG A 560 12.93 31.77 -5.81
CA ARG A 560 13.92 30.99 -6.54
C ARG A 560 15.32 31.63 -6.34
N PHE A 561 15.39 32.98 -6.34
CA PHE A 561 16.63 33.69 -6.13
C PHE A 561 17.18 33.42 -4.73
N ASN A 562 16.27 33.48 -3.73
CA ASN A 562 16.52 33.18 -2.32
C ASN A 562 17.12 31.77 -2.19
N VAL A 563 16.48 30.76 -2.79
CA VAL A 563 16.98 29.37 -2.73
C VAL A 563 18.33 29.25 -3.41
N ALA A 564 18.47 29.86 -4.61
CA ALA A 564 19.73 29.77 -5.33
C ALA A 564 20.95 30.22 -4.53
N ILE A 565 20.91 31.44 -3.95
CA ILE A 565 22.07 31.98 -3.27
C ILE A 565 22.26 31.42 -1.86
N THR A 566 21.20 30.90 -1.22
CA THR A 566 21.33 30.29 0.11
C THR A 566 21.84 28.84 0.08
N ARG A 567 22.26 28.32 -1.08
CA ARG A 567 22.83 26.97 -1.15
C ARG A 567 24.30 26.93 -0.66
N ALA A 568 25.01 28.09 -0.72
CA ALA A 568 26.41 28.29 -0.39
C ALA A 568 26.75 28.44 1.11
N LYS A 569 27.77 27.68 1.53
CA LYS A 569 28.33 27.72 2.89
C LYS A 569 29.52 28.64 2.95
N VAL A 570 30.31 28.73 1.87
CA VAL A 570 31.53 29.53 1.86
C VAL A 570 31.55 30.67 0.84
N GLY A 571 31.37 30.36 -0.44
CA GLY A 571 31.37 31.36 -1.46
C GLY A 571 30.34 31.15 -2.56
N ILE A 572 29.97 32.25 -3.22
CA ILE A 572 29.05 32.22 -4.33
C ILE A 572 29.52 33.19 -5.41
N LEU A 573 29.31 32.82 -6.67
CA LEU A 573 29.59 33.67 -7.78
C LEU A 573 28.23 33.76 -8.49
N CYS A 574 27.65 34.95 -8.61
CA CYS A 574 26.40 35.18 -9.33
C CYS A 574 26.64 35.94 -10.61
N ILE A 575 26.38 35.33 -11.79
CA ILE A 575 26.46 36.04 -13.07
C ILE A 575 25.00 36.36 -13.33
N MET A 576 24.66 37.66 -13.21
CA MET A 576 23.30 38.21 -13.26
C MET A 576 22.91 38.82 -14.56
N SER A 577 21.61 38.78 -14.84
CA SER A 577 20.97 39.35 -16.02
C SER A 577 20.05 40.53 -15.62
N ASP A 578 19.40 40.41 -14.44
CA ASP A 578 18.47 41.39 -13.91
C ASP A 578 19.20 42.40 -13.05
N ARG A 579 19.05 43.70 -13.37
CA ARG A 579 19.67 44.81 -12.67
C ARG A 579 19.21 44.89 -11.22
N ASP A 580 17.90 44.75 -10.99
CA ASP A 580 17.25 44.79 -9.69
C ASP A 580 17.94 43.80 -8.71
N LEU A 581 17.90 42.50 -9.03
CA LEU A 581 18.51 41.49 -8.20
C LEU A 581 20.04 41.63 -8.09
N TYR A 582 20.73 42.07 -9.18
CA TYR A 582 22.17 42.31 -9.13
C TYR A 582 22.48 43.41 -8.09
N ASP A 583 21.72 44.51 -8.14
CA ASP A 583 21.90 45.65 -7.25
C ASP A 583 21.60 45.33 -5.79
N LYS A 584 20.74 44.35 -5.55
CA LYS A 584 20.39 43.91 -4.23
C LYS A 584 21.43 42.98 -3.63
N LEU A 585 22.16 42.23 -4.48
CA LEU A 585 23.21 41.36 -3.98
C LEU A 585 24.29 42.17 -3.21
N GLN A 586 24.45 41.85 -1.91
CA GLN A 586 25.45 42.51 -1.09
C GLN A 586 26.76 41.78 -1.20
N PHE A 587 27.22 41.64 -2.45
CA PHE A 587 28.43 40.92 -2.85
C PHE A 587 29.42 41.89 -3.45
N THR A 588 30.67 41.45 -3.54
CA THR A 588 31.76 42.18 -4.19
C THR A 588 31.56 42.08 -5.72
N SER A 589 31.45 43.22 -6.40
CA SER A 589 31.26 43.21 -7.83
C SER A 589 32.56 42.91 -8.56
N LEU A 590 32.48 42.11 -9.62
CA LEU A 590 33.61 41.75 -10.46
C LEU A 590 33.47 42.41 -11.85
N GLU A 591 34.59 42.60 -12.56
CA GLU A 591 34.60 43.19 -13.90
C GLU A 591 35.00 42.14 -14.96
N ILE A 592 34.74 42.45 -16.27
CA ILE A 592 35.01 41.75 -17.56
C ILE A 592 33.84 42.07 -18.51
N VAL B 2 3.49 1.92 26.46
CA VAL B 2 2.25 1.70 27.19
C VAL B 2 1.10 1.24 26.30
N GLY B 3 0.30 0.31 26.84
CA GLY B 3 -0.84 -0.33 26.20
C GLY B 3 -1.64 -1.27 27.09
N ALA B 4 -2.37 -2.22 26.49
CA ALA B 4 -3.20 -3.16 27.24
C ALA B 4 -2.69 -4.60 27.22
N CYS B 5 -2.84 -5.29 28.36
CA CYS B 5 -2.41 -6.68 28.57
C CYS B 5 -3.16 -7.64 27.65
N VAL B 6 -2.43 -8.57 26.99
CA VAL B 6 -3.08 -9.55 26.11
C VAL B 6 -3.76 -10.71 26.88
N LEU B 7 -3.71 -10.73 28.22
CA LEU B 7 -4.34 -11.81 29.00
C LEU B 7 -5.38 -11.33 30.02
N CYS B 8 -5.26 -10.06 30.43
CA CYS B 8 -6.07 -9.40 31.46
C CYS B 8 -6.70 -8.09 31.02
N ASN B 9 -6.19 -7.50 29.94
CA ASN B 9 -6.53 -6.15 29.50
C ASN B 9 -5.99 -5.05 30.43
N SER B 10 -5.56 -5.40 31.68
CA SER B 10 -5.02 -4.47 32.67
C SER B 10 -3.90 -3.62 32.06
N GLN B 11 -4.15 -2.32 31.88
CA GLN B 11 -3.21 -1.36 31.28
C GLN B 11 -1.78 -1.51 31.81
N THR B 12 -0.75 -1.48 30.95
CA THR B 12 0.64 -1.63 31.44
C THR B 12 1.69 -0.99 30.58
N SER B 13 2.79 -0.61 31.23
CA SER B 13 4.03 -0.13 30.64
C SER B 13 4.93 -1.33 30.23
N LEU B 14 4.49 -2.59 30.42
CA LEU B 14 5.32 -3.76 30.13
C LEU B 14 4.92 -4.52 28.89
N ARG B 15 5.92 -4.92 28.11
CA ARG B 15 5.83 -5.77 26.93
C ARG B 15 6.88 -6.85 27.13
N CYS B 16 6.60 -8.12 26.75
CA CYS B 16 7.65 -9.14 26.82
C CYS B 16 8.59 -8.95 25.65
N GLY B 17 9.87 -8.75 25.94
CA GLY B 17 10.88 -8.54 24.90
C GLY B 17 11.32 -9.83 24.22
N ALA B 18 11.05 -11.01 24.86
CA ALA B 18 11.44 -12.31 24.32
C ALA B 18 10.38 -12.92 23.40
N CYS B 19 9.12 -12.41 23.45
CA CYS B 19 8.06 -12.81 22.54
C CYS B 19 8.31 -12.10 21.24
N ILE B 20 8.14 -12.79 20.09
CA ILE B 20 8.39 -12.15 18.79
C ILE B 20 7.35 -11.07 18.48
N ARG B 21 6.17 -11.11 19.11
CA ARG B 21 5.19 -10.06 18.96
C ARG B 21 5.26 -8.96 20.03
N ARG B 22 6.13 -9.15 21.06
CA ARG B 22 6.28 -8.23 22.16
C ARG B 22 4.94 -7.82 22.80
N PRO B 23 4.11 -8.80 23.23
CA PRO B 23 2.81 -8.45 23.77
C PRO B 23 2.88 -7.66 25.04
N PHE B 24 1.93 -6.75 25.21
CA PHE B 24 1.76 -6.00 26.43
C PHE B 24 1.27 -7.01 27.49
N LEU B 25 1.96 -7.04 28.65
CA LEU B 25 1.67 -7.90 29.77
C LEU B 25 1.62 -7.04 31.05
N CYS B 26 0.57 -7.19 31.87
CA CYS B 26 0.46 -6.40 33.10
C CYS B 26 1.49 -6.79 34.13
N CYS B 27 1.63 -6.02 35.22
CA CYS B 27 2.60 -6.32 36.28
C CYS B 27 2.43 -7.77 36.79
N LYS B 28 1.16 -8.22 36.91
CA LYS B 28 0.81 -9.55 37.37
C LYS B 28 1.12 -10.67 36.32
N CYS B 29 0.55 -10.57 35.08
CA CYS B 29 0.71 -11.60 34.02
C CYS B 29 2.17 -11.68 33.45
N CYS B 30 2.91 -10.56 33.54
CA CYS B 30 4.29 -10.50 33.06
C CYS B 30 5.17 -11.34 33.97
N TYR B 31 4.93 -11.26 35.30
CA TYR B 31 5.65 -12.04 36.28
C TYR B 31 5.42 -13.52 36.03
N ASP B 32 4.14 -13.96 36.02
CA ASP B 32 3.77 -15.36 35.79
C ASP B 32 4.34 -15.93 34.50
N HIS B 33 4.56 -15.07 33.47
CA HIS B 33 5.18 -15.46 32.21
C HIS B 33 6.72 -15.62 32.33
N VAL B 34 7.43 -14.57 32.85
CA VAL B 34 8.89 -14.63 32.97
C VAL B 34 9.36 -15.71 33.95
N ILE B 35 8.63 -15.97 35.04
CA ILE B 35 9.06 -16.97 36.03
C ILE B 35 8.81 -18.43 35.63
N SER B 36 8.07 -18.66 34.55
CA SER B 36 7.74 -20.03 34.12
C SER B 36 8.14 -20.36 32.67
N THR B 37 8.86 -19.44 31.99
CA THR B 37 9.38 -19.62 30.63
C THR B 37 10.85 -19.16 30.58
N SER B 38 11.55 -19.47 29.47
CA SER B 38 12.88 -18.95 29.23
C SER B 38 12.84 -17.43 28.94
N HIS B 39 11.64 -16.84 28.75
CA HIS B 39 11.47 -15.43 28.42
C HIS B 39 11.74 -14.56 29.63
N LYS B 40 12.83 -13.80 29.62
CA LYS B 40 13.18 -12.94 30.76
C LYS B 40 13.40 -11.48 30.37
N LEU B 41 13.40 -11.12 29.06
CA LEU B 41 13.60 -9.72 28.69
C LEU B 41 12.27 -9.00 28.79
N VAL B 42 12.20 -7.91 29.55
CA VAL B 42 10.97 -7.12 29.70
C VAL B 42 11.21 -5.72 29.13
N LEU B 43 10.28 -5.20 28.32
CA LEU B 43 10.41 -3.88 27.72
C LEU B 43 9.38 -2.93 28.31
N SER B 44 9.77 -1.66 28.47
CA SER B 44 8.91 -0.62 29.02
C SER B 44 9.18 0.66 28.20
N VAL B 45 9.09 1.89 28.82
CA VAL B 45 9.54 3.17 28.24
C VAL B 45 11.07 2.97 27.87
N ASN B 46 11.76 2.14 28.68
CA ASN B 46 13.12 1.67 28.51
C ASN B 46 13.12 0.13 28.67
N PRO B 47 14.10 -0.57 28.07
CA PRO B 47 14.20 -2.01 28.27
C PRO B 47 14.84 -2.29 29.64
N TYR B 48 14.42 -3.37 30.26
CA TYR B 48 14.93 -3.77 31.56
C TYR B 48 16.22 -4.47 31.33
N VAL B 49 17.28 -3.68 31.30
CA VAL B 49 18.65 -4.13 31.08
C VAL B 49 19.55 -3.31 32.03
N CYS B 50 20.67 -3.91 32.50
CA CYS B 50 21.58 -3.17 33.37
C CYS B 50 22.21 -1.99 32.62
N ASN B 51 22.01 -0.80 33.17
CA ASN B 51 22.51 0.46 32.63
C ASN B 51 24.00 0.66 32.88
N ALA B 52 24.62 -0.13 33.78
CA ALA B 52 26.06 -0.01 34.03
C ALA B 52 26.83 -0.38 32.76
N PRO B 53 27.87 0.42 32.43
CA PRO B 53 28.58 0.21 31.15
C PRO B 53 29.17 -1.18 30.90
N GLY B 54 28.90 -1.71 29.72
CA GLY B 54 29.41 -3.01 29.30
C GLY B 54 28.83 -4.21 30.04
N CYS B 55 27.71 -4.01 30.72
CA CYS B 55 27.05 -5.09 31.43
C CYS B 55 25.95 -5.69 30.58
N ASP B 56 25.98 -7.03 30.45
CA ASP B 56 25.00 -7.76 29.65
C ASP B 56 23.87 -8.41 30.44
N VAL B 57 23.52 -7.90 31.64
CA VAL B 57 22.40 -8.47 32.39
C VAL B 57 21.08 -7.94 31.82
N THR B 58 20.29 -8.85 31.21
CA THR B 58 18.99 -8.58 30.58
C THR B 58 17.84 -9.32 31.27
N ASP B 59 18.13 -10.32 32.12
CA ASP B 59 17.13 -11.10 32.85
C ASP B 59 16.47 -10.21 33.90
N VAL B 60 15.15 -9.98 33.78
CA VAL B 60 14.33 -9.15 34.67
C VAL B 60 14.34 -9.64 36.14
N THR B 61 14.53 -10.95 36.35
CA THR B 61 14.57 -11.53 37.68
C THR B 61 15.91 -11.22 38.40
N GLN B 62 16.98 -10.85 37.64
CA GLN B 62 18.30 -10.49 38.14
C GLN B 62 18.53 -8.97 38.10
N LEU B 63 17.47 -8.14 37.98
CA LEU B 63 17.58 -6.69 37.86
C LEU B 63 16.75 -5.93 38.89
N TYR B 64 17.16 -4.65 39.16
CA TYR B 64 16.59 -3.76 40.19
C TYR B 64 16.48 -2.31 39.67
N LEU B 65 15.68 -1.44 40.31
CA LEU B 65 15.60 -0.02 39.95
C LEU B 65 16.41 0.89 40.92
N GLY B 66 17.47 1.52 40.37
CA GLY B 66 18.35 2.45 41.07
C GLY B 66 18.00 3.90 40.79
N GLY B 67 17.01 4.39 41.53
CA GLY B 67 16.50 5.76 41.35
C GLY B 67 15.59 5.81 40.14
N MET B 68 16.20 6.02 38.96
CA MET B 68 15.50 6.07 37.67
C MET B 68 16.15 5.19 36.58
N SER B 69 17.30 4.55 36.88
CA SER B 69 18.05 3.68 35.98
C SER B 69 18.10 2.21 36.50
N TYR B 70 18.11 1.21 35.61
CA TYR B 70 18.06 -0.23 35.97
C TYR B 70 19.45 -0.86 36.08
N TYR B 71 19.69 -1.73 37.09
CA TYR B 71 21.00 -2.37 37.26
C TYR B 71 20.86 -3.80 37.80
N CYS B 72 21.87 -4.65 37.57
CA CYS B 72 21.87 -6.01 38.10
C CYS B 72 22.26 -6.05 39.62
N LYS B 73 22.48 -7.24 40.21
CA LYS B 73 22.87 -7.37 41.62
C LYS B 73 24.32 -6.89 41.85
N SER B 74 25.19 -6.96 40.81
CA SER B 74 26.59 -6.53 40.84
C SER B 74 26.74 -5.01 40.68
N HIS B 75 25.80 -4.36 40.01
CA HIS B 75 25.92 -2.94 39.73
C HIS B 75 24.88 -2.05 40.34
N LYS B 76 23.93 -2.60 41.12
CA LYS B 76 22.87 -1.77 41.70
C LYS B 76 23.40 -0.80 42.76
N PRO B 77 22.77 0.38 42.90
CA PRO B 77 23.15 1.29 43.99
C PRO B 77 22.59 0.81 45.36
N PRO B 78 23.06 1.37 46.50
CA PRO B 78 22.51 0.92 47.80
C PRO B 78 20.99 1.06 47.91
N ILE B 79 20.42 2.17 47.37
CA ILE B 79 18.97 2.35 47.39
C ILE B 79 18.35 1.85 46.07
N SER B 80 17.75 0.64 46.13
CA SER B 80 17.11 0.01 44.98
C SER B 80 16.07 -1.05 45.38
N PHE B 81 15.17 -1.41 44.47
CA PHE B 81 14.17 -2.44 44.72
C PHE B 81 14.11 -3.39 43.52
N PRO B 82 13.93 -4.70 43.75
CA PRO B 82 13.95 -5.65 42.62
C PRO B 82 12.80 -5.43 41.66
N LEU B 83 13.04 -5.71 40.39
CA LEU B 83 11.95 -5.59 39.40
C LEU B 83 10.92 -6.77 39.60
N CYS B 84 11.37 -7.93 40.13
CA CYS B 84 10.54 -9.11 40.43
C CYS B 84 10.34 -9.37 41.88
N ALA B 85 9.11 -9.21 42.33
CA ALA B 85 8.78 -9.47 43.71
C ALA B 85 7.28 -9.50 43.88
N ASN B 86 6.76 -10.25 44.86
CA ASN B 86 5.32 -10.33 45.16
C ASN B 86 4.44 -10.66 43.93
N GLY B 87 4.91 -11.56 43.07
CA GLY B 87 4.16 -11.94 41.88
C GLY B 87 3.93 -10.85 40.86
N GLN B 88 4.81 -9.84 40.87
CA GLN B 88 4.70 -8.71 39.97
C GLN B 88 6.04 -8.29 39.38
N VAL B 89 5.98 -7.72 38.18
CA VAL B 89 7.13 -7.12 37.51
C VAL B 89 6.89 -5.59 37.64
N PHE B 90 7.91 -4.82 38.04
CA PHE B 90 7.75 -3.38 38.20
C PHE B 90 7.47 -2.68 36.88
N GLY B 91 6.53 -1.75 36.85
CA GLY B 91 6.22 -1.02 35.63
C GLY B 91 5.32 0.18 35.85
N LEU B 92 4.11 0.13 35.30
CA LEU B 92 3.10 1.18 35.47
C LEU B 92 1.78 0.50 35.69
N TYR B 93 0.86 1.21 36.37
CA TYR B 93 -0.49 0.74 36.64
C TYR B 93 -0.51 -0.56 37.45
N LYS B 94 0.33 -0.64 38.51
CA LYS B 94 0.44 -1.79 39.44
C LYS B 94 -0.82 -1.99 40.28
N ASN B 95 -1.52 -0.87 40.55
CA ASN B 95 -2.76 -0.82 41.31
C ASN B 95 -3.93 -1.44 40.51
N THR B 96 -3.90 -1.31 39.16
CA THR B 96 -4.89 -1.89 38.24
C THR B 96 -4.38 -3.22 37.65
N CYS B 97 -4.46 -4.32 38.42
CA CYS B 97 -4.02 -5.65 37.97
C CYS B 97 -5.02 -6.72 38.40
N VAL B 98 -5.23 -7.72 37.54
CA VAL B 98 -6.17 -8.78 37.85
C VAL B 98 -5.51 -10.15 37.87
N GLY B 99 -4.70 -10.45 36.84
CA GLY B 99 -3.99 -11.72 36.70
C GLY B 99 -4.76 -12.82 36.00
N SER B 100 -4.21 -14.03 35.97
CA SER B 100 -4.88 -15.17 35.33
C SER B 100 -4.61 -16.48 36.08
N ASP B 101 -5.68 -17.24 36.37
CA ASP B 101 -5.67 -18.51 37.12
C ASP B 101 -4.73 -19.59 36.56
N ASN B 102 -4.49 -19.54 35.22
CA ASN B 102 -3.60 -20.45 34.49
C ASN B 102 -3.11 -19.75 33.21
N VAL B 103 -1.93 -19.14 33.29
CA VAL B 103 -1.24 -18.44 32.18
C VAL B 103 -0.52 -19.45 31.20
N THR B 104 -0.84 -20.76 31.33
CA THR B 104 -0.24 -21.94 30.74
C THR B 104 -0.36 -21.98 29.24
N ASP B 105 -1.53 -21.64 28.69
CA ASP B 105 -1.78 -21.63 27.24
C ASP B 105 -1.03 -20.46 26.57
N PHE B 106 -0.96 -19.28 27.24
CA PHE B 106 -0.23 -18.12 26.71
C PHE B 106 1.25 -18.47 26.55
N ASN B 107 1.81 -19.14 27.55
CA ASN B 107 3.22 -19.55 27.60
C ASN B 107 3.52 -20.51 26.46
N ALA B 108 2.64 -21.49 26.22
CA ALA B 108 2.80 -22.47 25.14
C ALA B 108 2.73 -21.83 23.73
N ILE B 109 1.85 -20.83 23.53
CA ILE B 109 1.75 -20.12 22.26
C ILE B 109 2.99 -19.23 22.05
N ALA B 110 3.44 -18.56 23.12
CA ALA B 110 4.59 -17.64 23.11
C ALA B 110 5.93 -18.33 22.82
N THR B 111 6.10 -19.60 23.26
CA THR B 111 7.37 -20.33 23.14
C THR B 111 7.42 -21.50 22.12
N CYS B 112 6.26 -21.91 21.55
CA CYS B 112 6.25 -23.04 20.61
C CYS B 112 6.86 -22.65 19.25
N ASP B 113 7.42 -23.64 18.53
CA ASP B 113 8.04 -23.38 17.23
C ASP B 113 7.09 -23.52 16.03
N TRP B 114 5.80 -23.90 16.28
CA TRP B 114 4.74 -24.07 15.28
C TRP B 114 5.00 -25.23 14.31
N THR B 115 5.85 -26.21 14.69
CA THR B 115 6.12 -27.36 13.80
C THR B 115 5.19 -28.55 14.09
N ASN B 116 4.56 -28.59 15.28
CA ASN B 116 3.64 -29.64 15.70
C ASN B 116 2.19 -29.20 15.45
N ALA B 117 1.30 -30.17 15.18
CA ALA B 117 -0.12 -29.90 14.95
C ALA B 117 -0.82 -29.43 16.25
N GLY B 118 -0.34 -29.92 17.41
CA GLY B 118 -0.88 -29.56 18.72
C GLY B 118 -0.80 -28.08 19.03
N ASP B 119 0.13 -27.36 18.36
CA ASP B 119 0.33 -25.91 18.47
C ASP B 119 -0.84 -25.16 17.80
N TYR B 120 -1.30 -25.69 16.66
CA TYR B 120 -2.41 -25.13 15.88
C TYR B 120 -3.76 -25.44 16.51
N ILE B 121 -3.86 -26.62 17.19
CA ILE B 121 -5.04 -27.04 17.93
C ILE B 121 -5.23 -26.07 19.09
N LEU B 122 -4.15 -25.76 19.84
CA LEU B 122 -4.20 -24.79 20.93
C LEU B 122 -4.61 -23.42 20.41
N ALA B 123 -3.96 -22.93 19.31
CA ALA B 123 -4.25 -21.62 18.69
C ALA B 123 -5.72 -21.42 18.24
N ASN B 124 -6.53 -22.48 18.27
CA ASN B 124 -7.93 -22.42 17.86
C ASN B 124 -8.90 -22.80 19.01
N THR B 125 -8.40 -23.54 20.03
CA THR B 125 -9.23 -23.90 21.17
C THR B 125 -9.05 -22.93 22.37
N CYS B 126 -8.13 -21.97 22.29
CA CYS B 126 -7.84 -21.00 23.36
C CYS B 126 -8.87 -19.85 23.41
N THR B 127 -8.68 -18.86 24.31
CA THR B 127 -9.58 -17.71 24.39
C THR B 127 -9.49 -16.87 23.11
N GLU B 128 -10.44 -15.95 22.90
CA GLU B 128 -10.44 -15.15 21.70
C GLU B 128 -9.21 -14.27 21.59
N ARG B 129 -8.80 -13.60 22.68
CA ARG B 129 -7.59 -12.76 22.64
C ARG B 129 -6.30 -13.59 22.40
N LEU B 130 -6.31 -14.85 22.82
CA LEU B 130 -5.17 -15.73 22.60
C LEU B 130 -5.19 -16.35 21.19
N LYS B 131 -6.36 -16.41 20.52
CA LYS B 131 -6.47 -16.82 19.11
C LYS B 131 -5.74 -15.74 18.28
N LEU B 132 -5.91 -14.42 18.64
CA LEU B 132 -5.25 -13.31 17.97
C LEU B 132 -3.73 -13.28 18.21
N PHE B 133 -3.28 -13.48 19.46
CA PHE B 133 -1.86 -13.52 19.79
C PHE B 133 -1.21 -14.72 19.05
N ALA B 134 -1.88 -15.90 19.08
CA ALA B 134 -1.37 -17.08 18.38
C ALA B 134 -1.26 -16.85 16.86
N ALA B 135 -2.27 -16.16 16.27
CA ALA B 135 -2.31 -15.85 14.85
C ALA B 135 -1.22 -14.89 14.43
N GLU B 136 -0.95 -13.84 15.23
CA GLU B 136 0.12 -12.89 14.97
C GLU B 136 1.50 -13.58 15.10
N THR B 137 1.68 -14.37 16.17
CA THR B 137 2.93 -15.05 16.52
C THR B 137 3.29 -16.05 15.44
N LEU B 138 2.30 -16.83 15.01
CA LEU B 138 2.48 -17.81 13.95
C LEU B 138 2.83 -17.11 12.64
N LYS B 139 2.10 -16.05 12.25
CA LYS B 139 2.38 -15.38 10.99
C LYS B 139 3.73 -14.70 10.99
N ALA B 140 4.13 -14.15 12.11
CA ALA B 140 5.44 -13.53 12.22
C ALA B 140 6.52 -14.62 12.19
N THR B 141 6.27 -15.79 12.81
CA THR B 141 7.23 -16.91 12.79
C THR B 141 7.36 -17.45 11.40
N GLU B 142 6.25 -17.54 10.65
CA GLU B 142 6.25 -18.01 9.27
C GLU B 142 7.06 -17.05 8.37
N GLU B 143 6.87 -15.71 8.49
CA GLU B 143 7.54 -14.68 7.65
C GLU B 143 9.02 -14.65 7.89
N THR B 144 9.41 -14.77 9.16
CA THR B 144 10.81 -14.78 9.58
C THR B 144 11.51 -16.06 9.09
N PHE B 145 10.79 -17.17 9.07
CA PHE B 145 11.30 -18.43 8.57
C PHE B 145 11.68 -18.32 7.09
N LYS B 146 10.99 -17.48 6.30
CA LYS B 146 11.33 -17.28 4.90
C LYS B 146 12.71 -16.62 4.76
N LEU B 147 13.15 -15.83 5.78
CA LEU B 147 14.47 -15.15 5.84
C LEU B 147 15.62 -16.11 6.14
N SER B 148 15.33 -17.28 6.75
CA SER B 148 16.30 -18.33 7.08
C SER B 148 16.87 -19.02 5.84
N TYR B 149 16.12 -18.99 4.72
CA TYR B 149 16.51 -19.59 3.46
C TYR B 149 17.60 -18.76 2.76
N GLY B 150 18.48 -19.43 2.04
CA GLY B 150 19.55 -18.76 1.32
C GLY B 150 19.07 -18.11 0.03
N ILE B 151 19.84 -17.14 -0.48
CA ILE B 151 19.59 -16.43 -1.73
C ILE B 151 20.01 -17.33 -2.88
N ALA B 152 19.17 -17.43 -3.93
CA ALA B 152 19.44 -18.19 -5.16
C ALA B 152 19.92 -17.19 -6.23
N THR B 153 21.02 -17.48 -6.96
CA THR B 153 21.52 -16.53 -7.95
C THR B 153 21.68 -17.18 -9.32
N VAL B 154 21.36 -16.43 -10.39
CA VAL B 154 21.56 -16.92 -11.77
C VAL B 154 23.06 -17.06 -12.02
N ARG B 155 23.52 -18.31 -12.16
CA ARG B 155 24.91 -18.66 -12.42
C ARG B 155 25.14 -18.75 -13.95
N GLU B 156 24.14 -19.25 -14.70
CA GLU B 156 24.23 -19.43 -16.13
C GLU B 156 22.83 -19.50 -16.72
N VAL B 157 22.51 -18.64 -17.69
CA VAL B 157 21.19 -18.68 -18.32
C VAL B 157 21.22 -19.80 -19.38
N LEU B 158 20.92 -21.06 -18.96
CA LEU B 158 20.96 -22.29 -19.76
C LEU B 158 20.24 -22.15 -21.11
N SER B 159 19.03 -21.61 -21.06
CA SER B 159 18.15 -21.35 -22.20
C SER B 159 16.98 -20.48 -21.66
N ASP B 160 15.85 -20.42 -22.39
CA ASP B 160 14.68 -19.72 -21.89
C ASP B 160 13.87 -20.71 -21.05
N ARG B 161 13.13 -20.20 -20.07
CA ARG B 161 12.35 -21.02 -19.14
C ARG B 161 13.24 -21.93 -18.25
N GLU B 162 14.57 -21.96 -18.45
CA GLU B 162 15.51 -22.77 -17.69
C GLU B 162 16.77 -22.00 -17.26
N LEU B 163 17.22 -22.23 -16.02
CA LEU B 163 18.40 -21.58 -15.42
C LEU B 163 19.35 -22.55 -14.69
N HIS B 164 20.53 -22.06 -14.31
CA HIS B 164 21.53 -22.76 -13.50
C HIS B 164 21.64 -21.86 -12.27
N LEU B 165 21.23 -22.34 -11.08
CA LEU B 165 21.30 -21.49 -9.88
C LEU B 165 22.47 -21.80 -8.95
N SER B 166 22.99 -20.74 -8.33
CA SER B 166 24.08 -20.77 -7.35
C SER B 166 23.47 -20.38 -5.98
N TRP B 167 23.51 -21.28 -5.00
CA TRP B 167 22.89 -21.04 -3.70
C TRP B 167 23.83 -20.51 -2.62
N GLU B 168 23.27 -19.79 -1.64
CA GLU B 168 24.02 -19.23 -0.54
C GLU B 168 24.45 -20.33 0.43
N VAL B 169 25.73 -20.35 0.77
CA VAL B 169 26.35 -21.32 1.70
C VAL B 169 25.96 -20.99 3.14
N GLY B 170 25.69 -22.02 3.94
CA GLY B 170 25.32 -21.83 5.34
C GLY B 170 23.83 -21.66 5.61
N LYS B 171 23.04 -21.41 4.56
CA LYS B 171 21.60 -21.24 4.72
C LYS B 171 20.85 -22.28 3.89
N PRO B 172 19.84 -22.94 4.49
CA PRO B 172 19.07 -23.96 3.75
C PRO B 172 18.46 -23.50 2.42
N ARG B 173 18.13 -24.47 1.55
CA ARG B 173 17.50 -24.19 0.27
C ARG B 173 16.00 -24.48 0.38
N PRO B 174 15.16 -23.51 0.01
CA PRO B 174 13.69 -23.72 0.07
C PRO B 174 13.14 -24.69 -0.96
N PRO B 175 12.03 -25.40 -0.62
CA PRO B 175 11.42 -26.34 -1.58
C PRO B 175 11.09 -25.64 -2.90
N LEU B 176 11.48 -26.25 -4.03
CA LEU B 176 11.26 -25.63 -5.33
C LEU B 176 9.90 -25.98 -5.99
N ASN B 177 8.77 -25.56 -5.37
CA ASN B 177 7.41 -25.79 -5.91
C ASN B 177 6.60 -24.47 -6.06
N ARG B 178 5.35 -24.52 -6.56
CA ARG B 178 4.51 -23.32 -6.76
C ARG B 178 4.11 -22.63 -5.43
N ASN B 179 4.25 -23.33 -4.30
CA ASN B 179 3.99 -22.82 -2.94
C ASN B 179 4.99 -21.72 -2.55
N TYR B 180 6.19 -21.75 -3.13
CA TYR B 180 7.27 -20.81 -2.84
C TYR B 180 7.49 -19.82 -3.99
N VAL B 181 7.06 -18.55 -3.80
CA VAL B 181 7.19 -17.51 -4.81
C VAL B 181 8.35 -16.54 -4.52
N PHE B 182 9.36 -16.57 -5.39
CA PHE B 182 10.59 -15.80 -5.36
C PHE B 182 10.39 -14.43 -5.95
N THR B 183 11.37 -13.56 -5.80
CA THR B 183 11.33 -12.23 -6.38
C THR B 183 12.69 -11.96 -6.94
N GLY B 184 12.75 -11.75 -8.24
CA GLY B 184 14.01 -11.47 -8.90
C GLY B 184 14.49 -10.06 -8.61
N TYR B 185 15.81 -9.83 -8.72
CA TYR B 185 16.41 -8.53 -8.45
C TYR B 185 17.63 -8.32 -9.37
N ARG B 186 17.85 -7.11 -9.93
CA ARG B 186 19.05 -6.85 -10.76
C ARG B 186 20.02 -5.92 -10.01
N VAL B 187 21.31 -6.32 -9.95
CA VAL B 187 22.37 -5.63 -9.19
C VAL B 187 22.66 -4.20 -9.66
N THR B 188 21.98 -3.16 -9.12
CA THR B 188 22.19 -1.74 -9.52
C THR B 188 23.55 -1.14 -9.03
N LYS B 189 23.87 0.12 -9.42
CA LYS B 189 25.08 0.84 -9.01
C LYS B 189 25.38 0.69 -7.52
N ASN B 190 24.38 0.93 -6.64
CA ASN B 190 24.59 0.75 -5.21
C ASN B 190 23.35 0.24 -4.43
N SER B 191 22.44 -0.48 -5.12
CA SER B 191 21.27 -1.11 -4.51
C SER B 191 20.65 -2.21 -5.43
N LYS B 192 19.41 -2.68 -5.17
CA LYS B 192 18.76 -3.73 -5.96
C LYS B 192 17.38 -3.31 -6.52
N VAL B 193 17.13 -3.65 -7.80
CA VAL B 193 15.86 -3.32 -8.43
C VAL B 193 15.00 -4.58 -8.69
N GLN B 194 13.74 -4.60 -8.17
CA GLN B 194 12.79 -5.73 -8.31
C GLN B 194 12.57 -6.06 -9.79
N ILE B 195 12.63 -7.33 -10.14
CA ILE B 195 12.47 -7.79 -11.52
C ILE B 195 11.25 -8.77 -11.66
N GLY B 196 10.29 -8.66 -10.73
CA GLY B 196 9.08 -9.46 -10.75
C GLY B 196 9.15 -10.74 -9.93
N GLU B 197 7.98 -11.35 -9.66
CA GLU B 197 7.92 -12.58 -8.89
C GLU B 197 8.14 -13.80 -9.79
N TYR B 198 8.75 -14.86 -9.23
CA TYR B 198 9.11 -16.07 -9.95
C TYR B 198 8.78 -17.33 -9.16
N THR B 199 8.59 -18.45 -9.85
CA THR B 199 8.41 -19.75 -9.20
C THR B 199 9.33 -20.76 -9.92
N PHE B 200 9.79 -21.80 -9.21
CA PHE B 200 10.72 -22.75 -9.83
C PHE B 200 10.30 -24.23 -9.67
N GLU B 201 10.95 -25.12 -10.44
CA GLU B 201 10.78 -26.57 -10.44
C GLU B 201 12.12 -27.22 -10.96
N LYS B 202 12.52 -28.40 -10.42
CA LYS B 202 13.77 -29.10 -10.82
C LYS B 202 13.78 -29.37 -12.33
N GLY B 203 14.96 -29.26 -12.96
CA GLY B 203 15.10 -29.46 -14.41
C GLY B 203 15.36 -30.88 -14.87
N ALA B 208 20.23 -27.77 -12.21
CA ALA B 208 19.52 -26.82 -13.07
C ALA B 208 18.02 -26.74 -12.77
N VAL B 209 17.46 -25.53 -12.86
CA VAL B 209 16.04 -25.29 -12.56
C VAL B 209 15.22 -24.76 -13.76
N VAL B 210 13.87 -24.81 -13.66
CA VAL B 210 12.90 -24.37 -14.65
C VAL B 210 12.10 -23.20 -14.06
N TYR B 211 12.28 -21.97 -14.57
CA TYR B 211 11.58 -20.81 -14.03
C TYR B 211 10.26 -20.45 -14.69
N ARG B 212 9.32 -20.00 -13.88
CA ARG B 212 7.99 -19.54 -14.28
C ARG B 212 7.80 -18.10 -13.77
N GLY B 213 8.22 -17.14 -14.58
CA GLY B 213 8.15 -15.74 -14.20
C GLY B 213 6.81 -15.09 -14.40
N THR B 214 6.31 -14.40 -13.35
CA THR B 214 5.06 -13.63 -13.38
C THR B 214 5.13 -12.59 -14.52
N THR B 215 6.29 -11.98 -14.67
CA THR B 215 6.58 -11.06 -15.75
C THR B 215 7.59 -11.70 -16.73
N THR B 216 7.72 -11.13 -17.93
CA THR B 216 8.65 -11.62 -18.94
C THR B 216 9.94 -10.75 -18.97
N TYR B 217 11.05 -11.32 -18.49
CA TYR B 217 12.32 -10.62 -18.46
C TYR B 217 13.42 -11.47 -19.09
N LYS B 218 14.41 -10.81 -19.71
CA LYS B 218 15.56 -11.51 -20.28
C LYS B 218 16.60 -11.55 -19.17
N LEU B 219 16.31 -12.32 -18.09
CA LEU B 219 17.19 -12.41 -16.93
C LEU B 219 18.60 -12.82 -17.30
N ASN B 220 19.51 -12.07 -16.74
CA ASN B 220 20.92 -12.27 -16.96
C ASN B 220 21.57 -12.77 -15.67
N VAL B 221 22.75 -13.35 -15.81
CA VAL B 221 23.58 -13.87 -14.71
C VAL B 221 23.80 -12.78 -13.65
N GLY B 222 23.70 -13.13 -12.36
CA GLY B 222 23.87 -12.16 -11.28
C GLY B 222 22.58 -11.77 -10.61
N ASP B 223 21.44 -11.93 -11.33
CA ASP B 223 20.12 -11.67 -10.78
C ASP B 223 19.87 -12.71 -9.69
N TYR B 224 19.26 -12.28 -8.60
CA TYR B 224 19.05 -13.17 -7.47
C TYR B 224 17.58 -13.22 -7.07
N PHE B 225 17.21 -14.26 -6.32
CA PHE B 225 15.83 -14.54 -5.96
C PHE B 225 15.64 -14.83 -4.49
N VAL B 226 14.79 -14.05 -3.84
CA VAL B 226 14.50 -14.25 -2.42
C VAL B 226 12.97 -14.33 -2.26
N LEU B 227 12.50 -15.11 -1.28
CA LEU B 227 11.07 -15.22 -0.98
C LEU B 227 10.68 -13.92 -0.29
N THR B 228 9.72 -13.16 -0.86
CA THR B 228 9.36 -11.88 -0.26
C THR B 228 8.57 -12.04 1.04
N SER B 229 9.23 -11.71 2.13
CA SER B 229 8.60 -11.74 3.44
C SER B 229 7.95 -10.36 3.69
N HIS B 230 6.78 -10.35 4.33
CA HIS B 230 6.09 -9.09 4.58
C HIS B 230 5.83 -8.84 6.04
N THR B 231 5.71 -7.55 6.40
CA THR B 231 5.49 -7.08 7.78
C THR B 231 4.15 -7.56 8.35
N VAL B 232 4.19 -8.32 9.46
CA VAL B 232 2.98 -8.82 10.12
C VAL B 232 2.42 -7.72 11.05
N MET B 233 1.20 -7.26 10.75
CA MET B 233 0.55 -6.22 11.52
C MET B 233 -0.17 -6.78 12.74
N PRO B 234 -0.35 -5.97 13.81
CA PRO B 234 -1.05 -6.48 14.99
C PRO B 234 -2.56 -6.58 14.74
N LEU B 235 -3.18 -7.58 15.37
CA LEU B 235 -4.60 -7.93 15.27
C LEU B 235 -5.34 -7.32 16.43
N SER B 236 -6.48 -6.69 16.15
CA SER B 236 -7.32 -6.03 17.13
C SER B 236 -8.72 -6.67 17.20
N ALA B 237 -9.37 -6.90 16.05
CA ALA B 237 -10.72 -7.48 15.95
C ALA B 237 -10.76 -9.00 16.20
N PRO B 238 -11.87 -9.56 16.77
CA PRO B 238 -11.95 -11.02 16.94
C PRO B 238 -12.02 -11.77 15.60
N THR B 239 -11.69 -13.09 15.59
CA THR B 239 -11.78 -13.92 14.38
C THR B 239 -13.23 -14.00 13.89
N LEU B 240 -14.16 -14.12 14.88
CA LEU B 240 -15.61 -14.14 14.74
C LEU B 240 -16.23 -13.07 15.65
N VAL B 241 -17.18 -12.30 15.12
CA VAL B 241 -17.92 -11.34 15.95
C VAL B 241 -18.89 -12.17 16.82
N PRO B 242 -19.44 -11.63 17.93
CA PRO B 242 -20.41 -12.43 18.71
C PRO B 242 -21.68 -12.68 17.88
N GLN B 243 -22.14 -13.94 17.86
CA GLN B 243 -23.32 -14.31 17.10
C GLN B 243 -24.60 -13.63 17.58
N GLU B 244 -25.41 -13.13 16.65
CA GLU B 244 -26.70 -12.56 16.96
C GLU B 244 -27.72 -13.31 16.11
N HIS B 245 -28.82 -13.72 16.72
CA HIS B 245 -29.91 -14.37 15.99
C HIS B 245 -31.09 -13.46 16.03
N TYR B 246 -31.74 -13.27 14.90
CA TYR B 246 -32.87 -12.34 14.80
C TYR B 246 -34.15 -13.08 14.46
N VAL B 247 -35.26 -12.44 14.78
CA VAL B 247 -36.58 -12.99 14.54
C VAL B 247 -37.16 -12.53 13.17
N ARG B 248 -36.49 -11.58 12.47
CA ARG B 248 -36.85 -11.05 11.16
C ARG B 248 -35.57 -10.79 10.37
N ILE B 249 -35.69 -10.63 9.03
CA ILE B 249 -34.57 -10.19 8.18
C ILE B 249 -34.25 -8.75 8.61
N THR B 250 -32.99 -8.52 8.96
CA THR B 250 -32.52 -7.29 9.51
C THR B 250 -31.69 -6.45 8.54
N GLY B 251 -32.13 -5.23 8.27
CA GLY B 251 -31.38 -4.28 7.45
C GLY B 251 -31.23 -4.60 5.97
N LEU B 252 -31.87 -5.69 5.55
CA LEU B 252 -31.82 -6.15 4.16
C LEU B 252 -33.24 -6.16 3.61
N TYR B 253 -33.39 -5.74 2.35
CA TYR B 253 -34.71 -5.67 1.75
C TYR B 253 -34.79 -6.63 0.53
N PRO B 254 -35.52 -7.76 0.73
CA PRO B 254 -35.62 -8.78 -0.31
C PRO B 254 -36.47 -8.43 -1.53
N THR B 255 -36.10 -9.04 -2.65
CA THR B 255 -36.72 -8.80 -3.94
C THR B 255 -38.11 -9.36 -3.97
N LEU B 256 -38.96 -8.81 -4.87
CA LEU B 256 -40.29 -9.38 -5.03
C LEU B 256 -40.28 -10.49 -6.06
N ASN B 257 -39.46 -10.34 -7.12
CA ASN B 257 -39.33 -11.26 -8.22
C ASN B 257 -37.90 -11.72 -8.32
N ILE B 258 -37.68 -13.01 -8.14
CA ILE B 258 -36.37 -13.63 -8.30
C ILE B 258 -36.43 -14.57 -9.49
N SER B 259 -35.30 -14.73 -10.11
CA SER B 259 -35.08 -15.65 -11.20
C SER B 259 -35.11 -17.10 -10.63
N ASP B 260 -35.68 -18.05 -11.39
CA ASP B 260 -35.72 -19.46 -10.97
C ASP B 260 -34.31 -20.13 -10.94
N GLU B 261 -33.26 -19.44 -11.44
CA GLU B 261 -31.88 -19.91 -11.33
C GLU B 261 -31.42 -19.77 -9.85
N PHE B 262 -32.03 -18.88 -9.07
CA PHE B 262 -31.68 -18.66 -7.68
C PHE B 262 -32.72 -19.06 -6.69
N SER B 263 -33.87 -19.61 -7.15
CA SER B 263 -34.94 -20.00 -6.24
C SER B 263 -34.52 -21.08 -5.24
N SER B 264 -33.53 -21.93 -5.60
CA SER B 264 -33.05 -22.95 -4.68
C SER B 264 -32.43 -22.36 -3.40
N ASN B 265 -31.91 -21.15 -3.48
CA ASN B 265 -31.27 -20.54 -2.33
C ASN B 265 -32.12 -19.51 -1.59
N VAL B 266 -33.42 -19.36 -1.89
CA VAL B 266 -34.24 -18.34 -1.21
C VAL B 266 -34.36 -18.58 0.34
N ALA B 267 -34.59 -19.83 0.79
CA ALA B 267 -34.67 -20.10 2.23
C ALA B 267 -33.32 -19.79 2.89
N ASN B 268 -32.21 -20.15 2.21
CA ASN B 268 -30.85 -19.89 2.69
C ASN B 268 -30.53 -18.37 2.71
N TYR B 269 -30.94 -17.59 1.69
CA TYR B 269 -30.71 -16.14 1.66
C TYR B 269 -31.47 -15.47 2.79
N GLN B 270 -32.65 -16.03 3.18
CA GLN B 270 -33.45 -15.49 4.28
C GLN B 270 -32.81 -15.79 5.62
N LYS B 271 -32.21 -16.99 5.76
CA LYS B 271 -31.45 -17.39 6.94
C LYS B 271 -30.26 -16.38 7.14
N VAL B 272 -29.67 -15.91 6.02
CA VAL B 272 -28.57 -14.94 6.00
C VAL B 272 -28.99 -13.60 6.67
N GLY B 273 -30.21 -13.16 6.41
CA GLY B 273 -30.73 -11.92 7.00
C GLY B 273 -31.25 -12.06 8.42
N MET B 274 -31.38 -13.28 8.93
CA MET B 274 -31.88 -13.57 10.27
C MET B 274 -30.80 -14.01 11.33
N GLN B 275 -29.54 -13.75 11.04
CA GLN B 275 -28.44 -13.94 11.97
C GLN B 275 -27.28 -12.98 11.61
N LYS B 276 -26.35 -12.70 12.54
CA LYS B 276 -25.26 -11.75 12.32
C LYS B 276 -24.32 -12.37 11.29
N TYR B 277 -23.89 -13.60 11.53
CA TYR B 277 -23.05 -14.31 10.60
C TYR B 277 -23.61 -15.69 10.32
N SER B 278 -23.34 -16.20 9.12
CA SER B 278 -23.77 -17.53 8.75
C SER B 278 -22.70 -18.30 8.01
N THR B 279 -22.69 -19.62 8.18
CA THR B 279 -21.73 -20.48 7.54
C THR B 279 -22.40 -21.29 6.41
N LEU B 280 -21.80 -21.31 5.23
CA LEU B 280 -22.30 -22.10 4.11
C LEU B 280 -21.27 -23.16 3.73
N GLN B 281 -21.61 -24.43 3.89
CA GLN B 281 -20.77 -25.51 3.44
C GLN B 281 -21.22 -25.90 2.03
N GLY B 282 -20.33 -25.73 1.09
CA GLY B 282 -20.58 -26.07 -0.29
C GLY B 282 -19.55 -27.03 -0.81
N PRO B 283 -19.90 -28.33 -0.83
CA PRO B 283 -19.01 -29.33 -1.44
C PRO B 283 -18.67 -29.00 -2.90
N PRO B 284 -17.75 -29.74 -3.55
CA PRO B 284 -17.41 -29.42 -4.95
C PRO B 284 -18.60 -29.40 -5.90
N GLY B 285 -18.69 -28.38 -6.75
CA GLY B 285 -19.70 -28.25 -7.80
C GLY B 285 -21.14 -28.12 -7.34
N THR B 286 -21.35 -27.66 -6.10
CA THR B 286 -22.71 -27.51 -5.52
C THR B 286 -23.28 -26.08 -5.69
N GLY B 287 -22.47 -25.11 -6.17
CA GLY B 287 -22.97 -23.75 -6.44
C GLY B 287 -22.67 -22.64 -5.46
N LYS B 288 -21.44 -22.60 -4.99
CA LYS B 288 -21.01 -21.57 -4.04
C LYS B 288 -20.98 -20.15 -4.65
N SER B 289 -20.36 -19.97 -5.84
CA SER B 289 -20.29 -18.66 -6.49
C SER B 289 -21.68 -18.18 -6.93
N HIS B 290 -22.51 -19.14 -7.36
CA HIS B 290 -23.88 -18.90 -7.77
C HIS B 290 -24.68 -18.38 -6.54
N PHE B 291 -24.50 -19.04 -5.38
CA PHE B 291 -25.13 -18.60 -4.13
C PHE B 291 -24.65 -17.20 -3.75
N ALA B 292 -23.33 -16.98 -3.74
CA ALA B 292 -22.75 -15.68 -3.39
C ALA B 292 -23.30 -14.53 -4.23
N ILE B 293 -23.32 -14.68 -5.56
CA ILE B 293 -23.81 -13.61 -6.45
C ILE B 293 -25.34 -13.46 -6.40
N GLY B 294 -26.03 -14.58 -6.22
CA GLY B 294 -27.49 -14.59 -6.11
C GLY B 294 -28.03 -13.91 -4.87
N LEU B 295 -27.21 -13.82 -3.83
CA LEU B 295 -27.54 -13.12 -2.61
C LEU B 295 -27.76 -11.61 -2.92
N ALA B 296 -26.97 -11.07 -3.90
CA ALA B 296 -27.08 -9.69 -4.36
C ALA B 296 -28.36 -9.45 -5.14
N LEU B 297 -28.80 -10.45 -5.89
CA LEU B 297 -30.06 -10.35 -6.62
C LEU B 297 -31.28 -10.47 -5.63
N TYR B 298 -31.09 -11.24 -4.55
CA TYR B 298 -32.12 -11.38 -3.54
C TYR B 298 -32.25 -10.14 -2.67
N TYR B 299 -31.15 -9.49 -2.27
CA TYR B 299 -31.22 -8.23 -1.51
C TYR B 299 -30.66 -7.17 -2.47
N PRO B 300 -31.49 -6.71 -3.44
CA PRO B 300 -30.96 -5.85 -4.51
C PRO B 300 -30.48 -4.47 -4.11
N SER B 301 -30.86 -4.00 -2.93
CA SER B 301 -30.45 -2.69 -2.41
C SER B 301 -29.16 -2.76 -1.54
N ALA B 302 -28.85 -3.96 -1.01
CA ALA B 302 -27.72 -4.23 -0.16
C ALA B 302 -26.37 -4.01 -0.81
N ARG B 303 -25.50 -3.26 -0.14
CA ARG B 303 -24.14 -3.05 -0.59
C ARG B 303 -23.36 -4.30 -0.12
N ILE B 304 -22.73 -5.05 -1.05
CA ILE B 304 -22.04 -6.29 -0.69
C ILE B 304 -20.57 -6.25 -0.95
N VAL B 305 -19.77 -6.59 0.06
CA VAL B 305 -18.34 -6.69 -0.14
C VAL B 305 -17.98 -8.17 -0.23
N TYR B 306 -17.39 -8.57 -1.35
CA TYR B 306 -16.98 -9.95 -1.64
C TYR B 306 -15.51 -10.05 -1.42
N THR B 307 -15.12 -10.95 -0.52
CA THR B 307 -13.72 -11.11 -0.14
C THR B 307 -13.32 -12.57 -0.10
N ALA B 308 -12.03 -12.81 -0.28
CA ALA B 308 -11.37 -14.11 -0.25
C ALA B 308 -9.84 -13.84 -0.09
N CYS B 309 -9.07 -14.86 0.29
CA CYS B 309 -7.63 -14.66 0.53
C CYS B 309 -6.86 -14.47 -0.76
N SER B 310 -7.19 -15.29 -1.76
CA SER B 310 -6.48 -15.26 -3.03
C SER B 310 -7.11 -14.36 -4.08
N HIS B 311 -6.28 -13.86 -4.99
CA HIS B 311 -6.73 -13.07 -6.13
C HIS B 311 -7.58 -13.93 -7.04
N ALA B 312 -7.24 -15.24 -7.21
CA ALA B 312 -8.01 -16.18 -8.03
C ALA B 312 -9.46 -16.34 -7.51
N ALA B 313 -9.63 -16.52 -6.17
CA ALA B 313 -10.96 -16.65 -5.58
C ALA B 313 -11.80 -15.38 -5.74
N VAL B 314 -11.18 -14.21 -5.59
CA VAL B 314 -11.87 -12.92 -5.77
C VAL B 314 -12.30 -12.75 -7.25
N ASP B 315 -11.38 -13.08 -8.21
CA ASP B 315 -11.63 -13.02 -9.66
C ASP B 315 -12.74 -13.98 -10.07
N ALA B 316 -12.81 -15.18 -9.47
CA ALA B 316 -13.88 -16.13 -9.78
C ALA B 316 -15.24 -15.56 -9.32
N LEU B 317 -15.28 -14.74 -8.24
CA LEU B 317 -16.52 -14.07 -7.82
C LEU B 317 -16.88 -12.90 -8.80
N CYS B 318 -15.87 -12.22 -9.33
CA CYS B 318 -16.01 -11.16 -10.32
C CYS B 318 -16.60 -11.74 -11.63
N GLU B 319 -16.14 -12.94 -12.06
CA GLU B 319 -16.65 -13.57 -13.27
C GLU B 319 -18.11 -13.92 -13.16
N LYS B 320 -18.55 -14.42 -11.98
CA LYS B 320 -19.94 -14.74 -11.72
C LYS B 320 -20.76 -13.44 -11.65
N ALA B 321 -20.22 -12.36 -11.03
CA ALA B 321 -20.93 -11.07 -10.93
C ALA B 321 -21.09 -10.41 -12.29
N LEU B 322 -20.10 -10.55 -13.15
CA LEU B 322 -20.08 -10.01 -14.49
C LEU B 322 -21.29 -10.52 -15.30
N LYS B 323 -21.68 -11.80 -15.09
CA LYS B 323 -22.84 -12.43 -15.72
C LYS B 323 -24.22 -12.00 -15.13
N TYR B 324 -24.33 -11.69 -13.81
CA TYR B 324 -25.64 -11.41 -13.20
C TYR B 324 -25.89 -10.00 -12.67
N LEU B 325 -24.83 -9.33 -12.26
CA LEU B 325 -24.93 -8.05 -11.62
C LEU B 325 -24.52 -6.92 -12.56
N PRO B 326 -25.14 -5.74 -12.43
CA PRO B 326 -24.77 -4.61 -13.30
C PRO B 326 -23.30 -4.17 -13.12
N ILE B 327 -22.52 -4.19 -14.22
CA ILE B 327 -21.09 -3.87 -14.23
C ILE B 327 -20.75 -2.45 -13.69
N ASP B 328 -21.64 -1.45 -13.89
CA ASP B 328 -21.40 -0.10 -13.37
C ASP B 328 -21.48 -0.01 -11.84
N LYS B 329 -22.08 -1.04 -11.19
CA LYS B 329 -22.23 -1.18 -9.74
C LYS B 329 -21.13 -2.02 -9.09
N CYS B 330 -20.11 -2.44 -9.85
CA CYS B 330 -19.02 -3.26 -9.38
C CYS B 330 -17.67 -2.55 -9.41
N SER B 331 -16.82 -2.96 -8.48
CA SER B 331 -15.47 -2.46 -8.41
C SER B 331 -14.53 -3.53 -7.87
N ARG B 332 -13.41 -3.77 -8.55
CA ARG B 332 -12.38 -4.71 -8.14
C ARG B 332 -11.26 -3.88 -7.46
N ILE B 333 -11.07 -4.03 -6.13
CA ILE B 333 -10.03 -3.29 -5.39
C ILE B 333 -8.69 -3.97 -5.62
N ILE B 334 -7.71 -3.20 -6.10
CA ILE B 334 -6.37 -3.68 -6.42
C ILE B 334 -5.33 -2.95 -5.59
N PRO B 335 -4.51 -3.71 -4.81
CA PRO B 335 -3.45 -3.05 -4.01
C PRO B 335 -2.41 -2.41 -4.94
N ALA B 336 -1.96 -1.18 -4.65
CA ALA B 336 -1.00 -0.47 -5.50
C ALA B 336 0.25 -1.28 -5.82
N VAL B 340 0.62 -8.10 -9.35
CA VAL B 340 -0.34 -9.18 -9.64
C VAL B 340 -1.27 -8.85 -10.81
N GLU B 341 -1.55 -9.83 -11.70
CA GLU B 341 -2.51 -9.59 -12.78
C GLU B 341 -3.82 -10.29 -12.44
N CYS B 342 -4.89 -9.50 -12.32
CA CYS B 342 -6.18 -10.03 -11.92
C CYS B 342 -7.34 -9.47 -12.79
N PHE B 343 -8.59 -9.48 -12.28
CA PHE B 343 -9.80 -9.02 -12.95
C PHE B 343 -9.76 -7.55 -13.41
N ASP B 344 -9.91 -7.35 -14.75
CA ASP B 344 -9.86 -5.98 -15.29
C ASP B 344 -11.16 -5.47 -15.90
N LYS B 345 -12.30 -6.12 -15.65
CA LYS B 345 -13.55 -5.69 -16.28
C LYS B 345 -14.40 -4.71 -15.44
N PHE B 346 -14.12 -4.56 -14.13
CA PHE B 346 -14.86 -3.60 -13.29
C PHE B 346 -14.03 -2.33 -13.12
N LYS B 347 -14.66 -1.19 -12.75
CA LYS B 347 -13.89 0.04 -12.45
C LYS B 347 -12.98 -0.24 -11.23
N VAL B 348 -11.67 0.01 -11.35
CA VAL B 348 -10.70 -0.34 -10.30
C VAL B 348 -10.63 0.68 -9.16
N ASN B 349 -10.63 0.18 -7.91
CA ASN B 349 -10.45 0.92 -6.66
C ASN B 349 -11.56 1.95 -6.31
N SER B 350 -12.80 1.72 -6.74
CA SER B 350 -13.92 2.60 -6.37
C SER B 350 -14.59 1.96 -5.16
N THR B 351 -14.05 2.24 -3.96
CA THR B 351 -14.49 1.73 -2.66
C THR B 351 -16.00 1.95 -2.38
N LEU B 352 -16.59 3.00 -2.97
CA LEU B 352 -17.99 3.33 -2.73
C LEU B 352 -19.02 2.60 -3.62
N GLU B 353 -18.56 1.76 -4.55
CA GLU B 353 -19.46 1.00 -5.43
C GLU B 353 -20.33 0.03 -4.62
N GLN B 354 -21.55 -0.28 -5.10
CA GLN B 354 -22.42 -1.19 -4.38
C GLN B 354 -21.80 -2.58 -4.19
N TYR B 355 -21.07 -3.07 -5.19
CA TYR B 355 -20.41 -4.37 -5.12
C TYR B 355 -18.93 -4.17 -5.19
N VAL B 356 -18.22 -4.59 -4.15
CA VAL B 356 -16.78 -4.41 -4.01
C VAL B 356 -16.12 -5.77 -3.87
N PHE B 357 -15.20 -6.10 -4.76
CA PHE B 357 -14.54 -7.39 -4.79
C PHE B 357 -13.08 -7.11 -4.46
N CYS B 358 -12.57 -7.71 -3.39
CA CYS B 358 -11.23 -7.42 -2.92
C CYS B 358 -10.63 -8.58 -2.09
N THR B 359 -9.30 -8.82 -2.22
CA THR B 359 -8.63 -9.85 -1.40
C THR B 359 -8.60 -9.32 0.06
N VAL B 360 -8.55 -10.22 1.06
CA VAL B 360 -8.51 -9.81 2.46
C VAL B 360 -7.38 -8.78 2.76
N ASN B 361 -6.11 -9.07 2.36
CA ASN B 361 -4.96 -8.19 2.65
C ASN B 361 -5.02 -6.80 1.99
N ALA B 362 -5.99 -6.58 1.09
CA ALA B 362 -6.17 -5.29 0.44
C ALA B 362 -7.45 -4.53 0.85
N LEU B 363 -8.27 -5.13 1.73
CA LEU B 363 -9.53 -4.55 2.14
C LEU B 363 -9.41 -3.14 2.68
N PRO B 364 -10.22 -2.22 2.17
CA PRO B 364 -10.27 -0.89 2.77
C PRO B 364 -11.10 -0.89 4.06
N GLU B 365 -11.02 0.21 4.81
CA GLU B 365 -11.79 0.36 6.04
C GLU B 365 -13.10 0.95 5.63
N THR B 366 -14.15 0.11 5.63
CA THR B 366 -15.48 0.47 5.17
C THR B 366 -16.56 -0.40 5.88
N THR B 367 -17.83 -0.15 5.57
CA THR B 367 -18.95 -0.91 6.08
C THR B 367 -19.74 -1.52 4.90
N ALA B 368 -20.60 -2.50 5.18
CA ALA B 368 -21.43 -3.16 4.17
C ALA B 368 -22.69 -3.73 4.80
N ASP B 369 -23.73 -3.97 4.00
CA ASP B 369 -24.95 -4.61 4.50
C ASP B 369 -24.66 -6.13 4.63
N ILE B 370 -23.86 -6.70 3.70
CA ILE B 370 -23.41 -8.08 3.75
C ILE B 370 -21.94 -8.11 3.33
N VAL B 371 -21.15 -8.89 4.05
CA VAL B 371 -19.79 -9.20 3.69
C VAL B 371 -19.85 -10.69 3.34
N VAL B 372 -19.40 -11.08 2.14
CA VAL B 372 -19.33 -12.48 1.75
C VAL B 372 -17.83 -12.85 1.74
N PHE B 373 -17.41 -13.87 2.50
CA PHE B 373 -16.02 -14.34 2.56
C PHE B 373 -16.02 -15.77 1.99
N ASP B 374 -15.47 -15.94 0.76
CA ASP B 374 -15.42 -17.21 0.06
C ASP B 374 -14.09 -17.95 0.31
N GLU B 375 -14.09 -19.27 -0.03
CA GLU B 375 -12.98 -20.23 0.11
C GLU B 375 -12.50 -20.20 1.56
N ILE B 376 -13.44 -20.33 2.52
CA ILE B 376 -13.21 -20.20 3.97
C ILE B 376 -12.24 -21.23 4.53
N SER B 377 -12.09 -22.43 3.91
CA SER B 377 -11.08 -23.39 4.41
C SER B 377 -9.64 -22.88 4.19
N MET B 378 -9.43 -21.98 3.20
CA MET B 378 -8.12 -21.36 2.90
C MET B 378 -7.79 -20.13 3.80
N ALA B 379 -8.72 -19.72 4.64
CA ALA B 379 -8.48 -18.60 5.53
C ALA B 379 -7.79 -19.11 6.79
N THR B 380 -6.99 -18.23 7.37
CA THR B 380 -6.36 -18.44 8.68
C THR B 380 -7.12 -17.51 9.66
N ASN B 381 -6.86 -17.68 10.95
CA ASN B 381 -7.47 -16.82 11.95
C ASN B 381 -7.01 -15.36 11.82
N TYR B 382 -5.80 -15.16 11.25
CA TYR B 382 -5.24 -13.86 10.95
C TYR B 382 -6.16 -13.16 9.94
N ASP B 383 -6.50 -13.86 8.84
CA ASP B 383 -7.40 -13.37 7.79
C ASP B 383 -8.79 -13.07 8.35
N LEU B 384 -9.33 -13.99 9.18
CA LEU B 384 -10.63 -13.84 9.84
C LEU B 384 -10.69 -12.55 10.65
N SER B 385 -9.63 -12.28 11.41
CA SER B 385 -9.50 -11.09 12.24
C SER B 385 -9.41 -9.79 11.42
N VAL B 386 -8.57 -9.79 10.36
CA VAL B 386 -8.40 -8.64 9.47
C VAL B 386 -9.72 -8.22 8.86
N VAL B 387 -10.52 -9.21 8.36
CA VAL B 387 -11.84 -8.90 7.81
C VAL B 387 -12.74 -8.21 8.87
N ASN B 388 -12.71 -8.68 10.13
CA ASN B 388 -13.57 -8.06 11.17
C ASN B 388 -13.11 -6.63 11.53
N ALA B 389 -11.81 -6.33 11.32
CA ALA B 389 -11.21 -5.02 11.59
C ALA B 389 -11.42 -4.01 10.46
N ARG B 390 -11.32 -4.47 9.21
CA ARG B 390 -11.50 -3.58 8.06
C ARG B 390 -13.00 -3.35 7.76
N LEU B 391 -13.85 -4.39 7.87
CA LEU B 391 -15.27 -4.34 7.50
C LEU B 391 -16.27 -4.42 8.67
N ARG B 392 -17.13 -3.40 8.82
CA ARG B 392 -18.21 -3.45 9.82
C ARG B 392 -19.54 -3.71 9.05
N ALA B 393 -20.06 -4.94 9.13
CA ALA B 393 -21.24 -5.32 8.36
C ALA B 393 -22.48 -5.71 9.18
N LYS B 394 -23.70 -5.57 8.58
CA LYS B 394 -24.91 -6.01 9.23
C LYS B 394 -24.91 -7.55 9.26
N HIS B 395 -24.42 -8.18 8.17
CA HIS B 395 -24.34 -9.62 8.00
C HIS B 395 -23.02 -10.05 7.41
N TYR B 396 -22.51 -11.19 7.87
CA TYR B 396 -21.28 -11.78 7.39
C TYR B 396 -21.62 -13.19 6.94
N VAL B 397 -21.26 -13.57 5.72
CA VAL B 397 -21.51 -14.91 5.22
C VAL B 397 -20.17 -15.55 4.91
N TYR B 398 -19.90 -16.71 5.49
CA TYR B 398 -18.65 -17.43 5.28
C TYR B 398 -18.97 -18.62 4.43
N ILE B 399 -18.44 -18.65 3.22
CA ILE B 399 -18.66 -19.74 2.26
C ILE B 399 -17.35 -20.52 2.04
N GLY B 400 -17.47 -21.83 1.98
CA GLY B 400 -16.35 -22.71 1.78
C GLY B 400 -16.73 -24.13 2.10
N ASP B 401 -15.73 -24.94 2.37
CA ASP B 401 -15.95 -26.34 2.65
C ASP B 401 -14.79 -26.84 3.53
N PRO B 402 -15.06 -27.18 4.83
CA PRO B 402 -13.98 -27.70 5.70
C PRO B 402 -13.47 -29.07 5.25
N ALA B 403 -14.13 -29.72 4.26
CA ALA B 403 -13.69 -30.98 3.65
C ALA B 403 -12.74 -30.73 2.45
N GLN B 404 -12.46 -29.46 2.13
CA GLN B 404 -11.47 -29.10 1.11
C GLN B 404 -10.15 -28.66 1.79
N LEU B 405 -9.15 -28.31 0.99
CA LEU B 405 -7.85 -27.98 1.49
C LEU B 405 -7.76 -26.63 2.25
N PRO B 406 -6.98 -26.68 3.35
CA PRO B 406 -6.71 -25.47 4.12
C PRO B 406 -5.52 -24.69 3.56
N ALA B 407 -5.25 -23.51 4.14
CA ALA B 407 -4.07 -22.69 3.80
C ALA B 407 -2.84 -23.51 4.18
N PRO B 408 -1.84 -23.54 3.32
CA PRO B 408 -0.61 -24.28 3.66
C PRO B 408 0.04 -23.78 4.95
N ARG B 409 0.43 -24.69 5.85
CA ARG B 409 1.09 -24.29 7.08
C ARG B 409 2.51 -24.70 6.90
N THR B 410 3.32 -23.80 6.32
CA THR B 410 4.72 -24.06 5.98
C THR B 410 5.53 -24.57 7.15
N LEU B 411 5.27 -24.09 8.38
CA LEU B 411 6.04 -24.52 9.55
C LEU B 411 5.65 -25.90 10.03
N LEU B 412 4.39 -26.30 9.83
CA LEU B 412 3.85 -27.59 10.32
C LEU B 412 4.40 -28.81 9.57
N THR B 413 5.17 -29.63 10.30
CA THR B 413 5.80 -30.84 9.76
C THR B 413 5.44 -32.10 10.57
N LYS B 414 5.02 -31.94 11.82
CA LYS B 414 4.70 -33.07 12.68
C LYS B 414 3.24 -33.09 13.10
N GLY B 415 2.51 -34.04 12.54
CA GLY B 415 1.10 -34.19 12.84
C GLY B 415 0.23 -33.75 11.68
N THR B 416 -1.04 -34.16 11.73
CA THR B 416 -2.02 -33.79 10.71
C THR B 416 -2.97 -32.78 11.36
N LEU B 417 -3.26 -31.68 10.65
CA LEU B 417 -4.19 -30.66 11.15
C LEU B 417 -5.63 -30.99 10.72
N GLU B 418 -6.50 -31.35 11.66
CA GLU B 418 -7.90 -31.66 11.36
C GLU B 418 -8.73 -30.40 10.96
N PRO B 419 -9.77 -30.57 10.09
CA PRO B 419 -10.58 -29.43 9.63
C PRO B 419 -11.16 -28.54 10.72
N GLU B 420 -11.51 -29.12 11.90
CA GLU B 420 -12.00 -28.32 13.03
C GLU B 420 -10.94 -27.35 13.59
N TYR B 421 -9.71 -27.40 13.06
CA TYR B 421 -8.63 -26.54 13.53
C TYR B 421 -8.07 -25.61 12.44
N PHE B 422 -8.69 -25.57 11.22
CA PHE B 422 -8.23 -24.72 10.11
C PHE B 422 -8.40 -23.28 10.49
N ASN B 423 -9.55 -22.91 11.01
CA ASN B 423 -9.84 -21.56 11.47
C ASN B 423 -11.09 -21.62 12.34
N SER B 424 -11.51 -20.47 12.91
CA SER B 424 -12.66 -20.42 13.78
C SER B 424 -13.97 -20.78 13.06
N VAL B 425 -14.08 -20.42 11.76
CA VAL B 425 -15.26 -20.74 10.97
C VAL B 425 -15.35 -22.24 10.74
N CYS B 426 -14.23 -22.84 10.38
CA CYS B 426 -14.20 -24.28 10.17
C CYS B 426 -14.42 -25.05 11.47
N ARG B 427 -13.93 -24.49 12.61
CA ARG B 427 -14.16 -25.09 13.93
C ARG B 427 -15.68 -25.16 14.18
N LEU B 428 -16.37 -24.06 13.89
CA LEU B 428 -17.83 -24.04 13.99
C LEU B 428 -18.51 -25.06 13.07
N MET B 429 -18.17 -25.10 11.76
CA MET B 429 -18.79 -26.04 10.82
C MET B 429 -18.57 -27.52 11.19
N LYS B 430 -17.45 -27.84 11.82
CA LYS B 430 -17.15 -29.22 12.22
C LYS B 430 -17.73 -29.61 13.60
N THR B 431 -18.04 -28.62 14.45
CA THR B 431 -18.55 -28.90 15.78
C THR B 431 -20.09 -28.73 15.82
N ILE B 432 -20.61 -27.50 15.62
CA ILE B 432 -22.05 -27.21 15.62
C ILE B 432 -22.74 -27.38 14.24
N GLY B 433 -21.96 -27.70 13.21
CA GLY B 433 -22.45 -27.84 11.85
C GLY B 433 -22.59 -26.53 11.11
N PRO B 434 -22.63 -26.56 9.76
CA PRO B 434 -22.83 -25.31 9.02
C PRO B 434 -24.31 -24.87 9.09
N ASP B 435 -24.54 -23.57 8.94
CA ASP B 435 -25.90 -23.06 8.95
C ASP B 435 -26.61 -23.51 7.66
N MET B 436 -25.88 -23.45 6.53
CA MET B 436 -26.45 -23.82 5.26
C MET B 436 -25.59 -24.83 4.57
N PHE B 437 -26.21 -25.75 3.82
CA PHE B 437 -25.45 -26.75 3.11
C PHE B 437 -25.97 -26.90 1.67
N LEU B 438 -25.07 -26.76 0.65
CA LEU B 438 -25.45 -26.97 -0.75
C LEU B 438 -25.30 -28.47 -1.00
N GLY B 439 -26.44 -29.15 -1.03
CA GLY B 439 -26.46 -30.59 -1.06
C GLY B 439 -26.46 -31.29 -2.39
N THR B 440 -26.48 -30.56 -3.52
CA THR B 440 -26.47 -31.27 -4.82
C THR B 440 -25.23 -30.93 -5.66
N CYS B 441 -24.37 -31.92 -5.83
CA CYS B 441 -23.18 -31.77 -6.65
C CYS B 441 -23.60 -31.91 -8.09
N ARG B 442 -23.37 -30.89 -8.90
CA ARG B 442 -23.75 -30.95 -10.33
C ARG B 442 -22.59 -31.23 -11.27
N ARG B 443 -21.36 -31.34 -10.75
CA ARG B 443 -20.22 -31.56 -11.58
C ARG B 443 -19.87 -33.04 -11.83
N CYS B 444 -19.79 -33.83 -10.77
CA CYS B 444 -19.19 -35.15 -10.83
C CYS B 444 -20.12 -36.27 -11.20
N PRO B 445 -19.57 -37.31 -11.92
CA PRO B 445 -20.34 -38.56 -12.13
C PRO B 445 -20.68 -39.16 -10.78
N ALA B 446 -21.84 -39.79 -10.65
CA ALA B 446 -22.30 -40.32 -9.36
C ALA B 446 -21.28 -41.19 -8.59
N GLU B 447 -20.40 -42.01 -9.23
CA GLU B 447 -19.38 -42.80 -8.52
C GLU B 447 -18.52 -41.95 -7.58
N ILE B 448 -18.10 -40.76 -8.08
CA ILE B 448 -17.31 -39.78 -7.36
C ILE B 448 -18.15 -39.11 -6.29
N VAL B 449 -19.39 -38.69 -6.60
CA VAL B 449 -20.22 -38.06 -5.60
C VAL B 449 -20.50 -39.01 -4.40
N ASP B 450 -20.84 -40.27 -4.69
CA ASP B 450 -21.13 -41.27 -3.67
C ASP B 450 -19.91 -41.58 -2.82
N THR B 451 -18.69 -41.54 -3.39
CA THR B 451 -17.45 -41.80 -2.65
C THR B 451 -17.15 -40.69 -1.64
N VAL B 452 -17.15 -39.40 -2.09
CA VAL B 452 -16.82 -38.27 -1.22
C VAL B 452 -17.97 -38.02 -0.24
N SER B 453 -19.23 -38.23 -0.65
CA SER B 453 -20.39 -38.13 0.23
C SER B 453 -20.22 -39.02 1.48
N ALA B 454 -19.77 -40.29 1.30
CA ALA B 454 -19.52 -41.19 2.42
C ALA B 454 -18.24 -40.81 3.16
N LEU B 455 -17.17 -40.44 2.44
CA LEU B 455 -15.87 -40.07 2.99
C LEU B 455 -15.86 -38.82 3.89
N VAL B 456 -16.40 -37.69 3.43
CA VAL B 456 -16.28 -36.44 4.18
C VAL B 456 -17.61 -35.67 4.43
N TYR B 457 -18.74 -36.11 3.86
CA TYR B 457 -20.00 -35.37 3.95
C TYR B 457 -21.12 -36.05 4.70
N ASP B 458 -20.83 -37.12 5.48
CA ASP B 458 -21.84 -37.88 6.24
C ASP B 458 -23.06 -38.31 5.40
N ASN B 459 -22.83 -38.71 4.14
CA ASN B 459 -23.82 -39.17 3.19
C ASN B 459 -24.89 -38.14 2.85
N LYS B 460 -24.56 -36.84 2.99
CA LYS B 460 -25.52 -35.79 2.68
C LYS B 460 -25.29 -35.15 1.31
N LEU B 461 -24.21 -35.54 0.58
CA LEU B 461 -23.96 -34.98 -0.74
C LEU B 461 -24.70 -35.86 -1.76
N LYS B 462 -25.58 -35.24 -2.56
CA LYS B 462 -26.36 -35.97 -3.56
C LYS B 462 -25.81 -35.73 -4.98
N ALA B 463 -25.90 -36.75 -5.86
CA ALA B 463 -25.36 -36.61 -7.20
C ALA B 463 -26.44 -36.10 -8.11
N HIS B 464 -26.15 -35.09 -8.93
CA HIS B 464 -27.09 -34.62 -9.93
C HIS B 464 -26.89 -35.47 -11.23
N LYS B 465 -25.64 -35.77 -11.57
CA LYS B 465 -25.34 -36.62 -12.73
C LYS B 465 -25.55 -38.10 -12.36
N ASP B 466 -25.75 -38.92 -13.38
CA ASP B 466 -25.82 -40.36 -13.19
C ASP B 466 -24.35 -40.87 -13.11
N LYS B 467 -24.16 -42.18 -12.84
CA LYS B 467 -22.83 -42.78 -12.85
C LYS B 467 -22.33 -42.72 -14.30
N SER B 468 -21.12 -42.22 -14.51
CA SER B 468 -20.57 -42.09 -15.85
C SER B 468 -20.12 -43.43 -16.44
N ALA B 469 -19.80 -44.41 -15.58
CA ALA B 469 -19.18 -45.70 -15.89
C ALA B 469 -17.75 -45.52 -16.46
N GLN B 470 -17.12 -44.38 -16.13
CA GLN B 470 -15.78 -44.01 -16.57
C GLN B 470 -14.89 -43.68 -15.36
N CYS B 471 -15.17 -44.27 -14.19
CA CYS B 471 -14.40 -44.01 -12.98
C CYS B 471 -13.72 -45.31 -12.61
N PHE B 472 -12.39 -45.34 -12.69
CA PHE B 472 -11.58 -46.52 -12.47
C PHE B 472 -10.59 -46.36 -11.34
N LYS B 473 -10.27 -47.47 -10.74
CA LYS B 473 -9.32 -47.51 -9.64
C LYS B 473 -8.41 -48.72 -9.85
N MET B 474 -7.13 -48.55 -9.56
N MET B 474 -7.12 -48.57 -9.55
CA MET B 474 -6.15 -49.65 -9.62
CA MET B 474 -6.12 -49.62 -9.65
C MET B 474 -5.34 -49.57 -8.37
C MET B 474 -5.29 -49.57 -8.40
N PHE B 475 -5.09 -50.71 -7.77
CA PHE B 475 -4.26 -50.77 -6.60
C PHE B 475 -2.85 -51.15 -7.09
N TYR B 476 -1.91 -50.20 -7.04
CA TYR B 476 -0.55 -50.43 -7.54
C TYR B 476 0.46 -49.58 -6.77
N LYS B 477 1.24 -50.18 -5.86
CA LYS B 477 2.19 -49.40 -5.06
C LYS B 477 3.40 -48.88 -5.82
N GLY B 478 3.78 -49.55 -6.90
CA GLY B 478 4.90 -49.11 -7.73
C GLY B 478 6.22 -49.06 -7.00
N VAL B 479 7.03 -48.01 -7.27
CA VAL B 479 8.33 -47.77 -6.69
C VAL B 479 8.43 -46.29 -6.32
N ILE B 480 8.67 -45.99 -5.04
CA ILE B 480 8.75 -44.62 -4.59
C ILE B 480 10.17 -44.13 -4.57
N THR B 481 10.45 -43.13 -5.39
CA THR B 481 11.73 -42.46 -5.38
C THR B 481 11.53 -41.06 -4.76
N HIS B 482 12.54 -40.59 -4.03
CA HIS B 482 12.51 -39.32 -3.32
C HIS B 482 13.57 -38.42 -3.83
N ASP B 483 13.22 -37.15 -4.00
CA ASP B 483 14.23 -36.17 -4.30
C ASP B 483 14.36 -35.26 -3.02
N VAL B 484 14.79 -34.00 -3.18
CA VAL B 484 15.04 -33.13 -2.05
C VAL B 484 13.79 -32.82 -1.20
N SER B 485 12.64 -32.55 -1.84
CA SER B 485 11.43 -32.20 -1.09
C SER B 485 10.14 -32.76 -1.75
N SER B 486 10.23 -33.90 -2.50
CA SER B 486 9.07 -34.47 -3.15
C SER B 486 9.20 -35.99 -3.44
N ALA B 487 8.09 -36.65 -3.84
CA ALA B 487 8.09 -38.06 -4.20
C ALA B 487 7.76 -38.28 -5.71
N ILE B 488 8.25 -39.37 -6.23
CA ILE B 488 8.08 -39.79 -7.61
C ILE B 488 7.74 -41.30 -7.58
N ASN B 489 6.85 -41.73 -8.46
CA ASN B 489 6.49 -43.12 -8.59
C ASN B 489 6.42 -43.37 -10.09
N ARG B 490 7.59 -43.66 -10.72
CA ARG B 490 7.64 -43.92 -12.17
C ARG B 490 6.77 -45.11 -12.59
N PRO B 491 6.74 -46.25 -11.85
CA PRO B 491 5.84 -47.34 -12.25
C PRO B 491 4.35 -46.96 -12.26
N GLN B 492 3.87 -46.03 -11.39
CA GLN B 492 2.47 -45.59 -11.47
C GLN B 492 2.21 -44.76 -12.74
N ILE B 493 3.19 -43.95 -13.17
CA ILE B 493 3.14 -43.20 -14.44
C ILE B 493 3.22 -44.19 -15.63
N GLY B 494 3.92 -45.29 -15.47
CA GLY B 494 4.01 -46.34 -16.47
C GLY B 494 2.65 -46.99 -16.67
N VAL B 495 1.95 -47.28 -15.57
CA VAL B 495 0.61 -47.85 -15.62
C VAL B 495 -0.33 -46.90 -16.37
N VAL B 496 -0.21 -45.57 -16.13
CA VAL B 496 -1.02 -44.55 -16.81
C VAL B 496 -0.69 -44.56 -18.29
N ARG B 497 0.59 -44.62 -18.65
CA ARG B 497 1.08 -44.70 -20.03
C ARG B 497 0.45 -45.90 -20.75
N GLU B 498 0.49 -47.10 -20.12
CA GLU B 498 -0.12 -48.33 -20.66
C GLU B 498 -1.64 -48.20 -20.78
N PHE B 499 -2.30 -47.47 -19.87
CA PHE B 499 -3.72 -47.22 -19.92
C PHE B 499 -4.10 -46.24 -21.06
N LEU B 500 -3.31 -45.16 -21.27
CA LEU B 500 -3.58 -44.16 -22.30
C LEU B 500 -3.50 -44.77 -23.71
N THR B 501 -2.60 -45.76 -23.94
CA THR B 501 -2.49 -46.43 -25.22
C THR B 501 -3.79 -47.18 -25.53
N ARG B 502 -4.40 -47.82 -24.51
CA ARG B 502 -5.65 -48.55 -24.65
C ARG B 502 -6.90 -47.67 -24.58
N ASN B 503 -6.78 -46.43 -24.10
CA ASN B 503 -7.89 -45.51 -23.90
C ASN B 503 -7.57 -44.12 -24.44
N PRO B 504 -7.37 -43.97 -25.77
CA PRO B 504 -7.01 -42.65 -26.31
C PRO B 504 -7.98 -41.51 -26.02
N ALA B 505 -9.27 -41.78 -25.72
CA ALA B 505 -10.21 -40.69 -25.32
C ALA B 505 -9.69 -39.95 -24.06
N TRP B 506 -8.90 -40.65 -23.23
CA TRP B 506 -8.32 -40.11 -22.03
C TRP B 506 -7.12 -39.22 -22.28
N ARG B 507 -6.69 -39.01 -23.54
CA ARG B 507 -5.55 -38.13 -23.79
C ARG B 507 -5.90 -36.65 -23.56
N LYS B 508 -7.19 -36.32 -23.45
CA LYS B 508 -7.61 -34.97 -23.07
C LYS B 508 -7.66 -34.83 -21.48
N ALA B 509 -7.14 -35.82 -20.74
CA ALA B 509 -7.16 -35.81 -19.29
C ALA B 509 -6.08 -34.90 -18.70
N VAL B 510 -6.36 -34.44 -17.47
CA VAL B 510 -5.44 -33.68 -16.65
C VAL B 510 -4.85 -34.66 -15.69
N PHE B 511 -3.52 -34.67 -15.58
CA PHE B 511 -2.79 -35.52 -14.64
C PHE B 511 -2.72 -34.79 -13.28
N ILE B 512 -3.13 -35.46 -12.21
CA ILE B 512 -3.09 -34.92 -10.87
C ILE B 512 -2.36 -35.89 -9.92
N SER B 513 -1.55 -35.34 -9.01
CA SER B 513 -0.85 -36.10 -7.99
C SER B 513 -0.58 -35.21 -6.76
N PRO B 514 -0.29 -35.79 -5.60
CA PRO B 514 0.03 -34.95 -4.43
C PRO B 514 1.44 -34.34 -4.46
N TYR B 515 2.29 -34.69 -5.47
CA TYR B 515 3.68 -34.19 -5.53
C TYR B 515 4.05 -33.49 -6.82
N ASN B 516 4.71 -32.34 -6.72
CA ASN B 516 5.17 -31.60 -7.90
C ASN B 516 6.19 -32.39 -8.71
N SER B 517 7.09 -33.16 -8.05
CA SER B 517 8.09 -33.94 -8.79
C SER B 517 7.49 -35.10 -9.54
N GLN B 518 6.41 -35.69 -9.02
CA GLN B 518 5.68 -36.75 -9.72
C GLN B 518 5.07 -36.15 -11.01
N ASN B 519 4.44 -34.96 -10.90
CA ASN B 519 3.85 -34.19 -11.97
C ASN B 519 4.87 -33.80 -13.06
N ALA B 520 6.10 -33.47 -12.67
CA ALA B 520 7.14 -33.08 -13.62
C ALA B 520 7.52 -34.28 -14.51
N VAL B 521 7.67 -35.46 -13.86
CA VAL B 521 7.98 -36.71 -14.54
C VAL B 521 6.79 -37.11 -15.47
N ALA B 522 5.54 -37.01 -14.96
CA ALA B 522 4.36 -37.36 -15.76
C ALA B 522 4.17 -36.41 -16.96
N SER B 523 4.59 -35.12 -16.81
CA SER B 523 4.43 -34.16 -17.92
C SER B 523 5.31 -34.56 -19.10
N LYS B 524 6.56 -34.98 -18.83
CA LYS B 524 7.46 -35.42 -19.89
C LYS B 524 7.03 -36.79 -20.48
N ILE B 525 6.70 -37.78 -19.64
CA ILE B 525 6.34 -39.13 -20.10
C ILE B 525 4.97 -39.23 -20.76
N LEU B 526 3.97 -38.53 -20.20
CA LEU B 526 2.60 -38.61 -20.72
C LEU B 526 2.22 -37.46 -21.63
N GLY B 527 2.79 -36.30 -21.40
CA GLY B 527 2.44 -35.12 -22.17
C GLY B 527 1.12 -34.48 -21.78
N LEU B 528 0.42 -35.04 -20.77
CA LEU B 528 -0.82 -34.52 -20.24
C LEU B 528 -0.52 -33.26 -19.41
N PRO B 529 -1.45 -32.28 -19.38
CA PRO B 529 -1.25 -31.14 -18.47
C PRO B 529 -1.33 -31.65 -17.02
N THR B 530 -0.51 -31.10 -16.13
CA THR B 530 -0.48 -31.53 -14.73
C THR B 530 -0.95 -30.43 -13.74
N GLN B 531 -1.43 -30.89 -12.59
CA GLN B 531 -1.86 -30.08 -11.44
C GLN B 531 -1.53 -30.87 -10.19
N THR B 532 -1.11 -30.18 -9.14
CA THR B 532 -1.00 -30.84 -7.84
C THR B 532 -2.45 -30.81 -7.31
N VAL B 533 -2.77 -31.62 -6.31
CA VAL B 533 -4.13 -31.58 -5.74
C VAL B 533 -4.46 -30.16 -5.21
N ASP B 534 -3.48 -29.55 -4.54
CA ASP B 534 -3.60 -28.23 -3.97
C ASP B 534 -3.82 -27.15 -5.04
N SER B 535 -3.12 -27.24 -6.18
CA SER B 535 -3.34 -26.26 -7.26
C SER B 535 -4.57 -26.58 -8.13
N SER B 536 -5.15 -27.79 -8.00
CA SER B 536 -6.35 -28.16 -8.75
C SER B 536 -7.63 -27.65 -8.07
N GLN B 537 -7.60 -27.34 -6.74
CA GLN B 537 -8.76 -26.85 -5.96
C GLN B 537 -9.42 -25.66 -6.66
N GLY B 538 -10.76 -25.76 -6.81
CA GLY B 538 -11.54 -24.75 -7.49
C GLY B 538 -11.71 -24.93 -9.00
N SER B 539 -10.85 -25.78 -9.62
CA SER B 539 -10.90 -26.05 -11.06
C SER B 539 -11.62 -27.38 -11.40
N GLU B 540 -12.14 -27.51 -12.63
CA GLU B 540 -12.79 -28.76 -13.04
C GLU B 540 -12.34 -29.14 -14.43
N TYR B 541 -12.24 -30.45 -14.68
CA TYR B 541 -11.77 -31.04 -15.95
C TYR B 541 -12.66 -32.26 -16.32
N ASP B 542 -12.82 -32.56 -17.61
CA ASP B 542 -13.62 -33.71 -18.04
C ASP B 542 -13.05 -35.02 -17.52
N TYR B 543 -11.75 -35.22 -17.70
CA TYR B 543 -11.10 -36.42 -17.27
C TYR B 543 -9.93 -36.09 -16.41
N VAL B 544 -9.72 -36.90 -15.40
CA VAL B 544 -8.66 -36.70 -14.43
C VAL B 544 -7.94 -38.02 -14.27
N ILE B 545 -6.63 -37.98 -14.30
CA ILE B 545 -5.83 -39.16 -14.01
C ILE B 545 -5.05 -38.83 -12.77
N PHE B 546 -5.34 -39.53 -11.70
CA PHE B 546 -4.71 -39.32 -10.41
C PHE B 546 -3.78 -40.44 -10.02
N THR B 547 -2.49 -40.14 -9.73
CA THR B 547 -1.61 -41.17 -9.16
C THR B 547 -1.32 -40.74 -7.72
N GLN B 548 -1.66 -41.60 -6.74
CA GLN B 548 -1.43 -41.30 -5.35
C GLN B 548 0.03 -41.11 -4.98
N THR B 549 0.95 -41.71 -5.76
CA THR B 549 2.43 -41.61 -5.59
C THR B 549 2.98 -42.34 -4.31
N THR B 550 2.53 -41.97 -3.10
CA THR B 550 3.00 -42.59 -1.84
C THR B 550 1.78 -42.98 -0.91
N GLU B 551 2.02 -43.56 0.28
CA GLU B 551 0.95 -43.79 1.29
C GLU B 551 1.22 -42.94 2.52
N THR B 552 1.83 -41.77 2.34
CA THR B 552 2.12 -40.84 3.43
C THR B 552 0.82 -40.22 3.97
N ALA B 553 0.91 -39.56 5.12
CA ALA B 553 -0.20 -38.81 5.68
C ALA B 553 -0.64 -37.68 4.69
N HIS B 554 0.32 -37.14 3.90
CA HIS B 554 0.08 -36.10 2.90
C HIS B 554 -0.78 -36.65 1.75
N SER B 555 -0.33 -37.74 1.11
CA SER B 555 -1.05 -38.32 0.00
C SER B 555 -2.35 -39.04 0.44
N CYS B 556 -2.46 -39.42 1.73
CA CYS B 556 -3.67 -40.05 2.27
C CYS B 556 -4.66 -39.09 2.88
N ASN B 557 -4.34 -37.80 2.92
CA ASN B 557 -5.22 -36.82 3.56
C ASN B 557 -6.60 -36.82 2.90
N VAL B 558 -7.68 -37.09 3.70
CA VAL B 558 -9.01 -37.23 3.12
C VAL B 558 -9.48 -35.93 2.47
N ASN B 559 -9.06 -34.74 2.94
CA ASN B 559 -9.48 -33.48 2.30
C ASN B 559 -8.83 -33.32 0.92
N ARG B 560 -7.55 -33.70 0.81
CA ARG B 560 -6.78 -33.68 -0.42
C ARG B 560 -7.34 -34.75 -1.38
N PHE B 561 -7.73 -35.92 -0.86
CA PHE B 561 -8.29 -36.99 -1.66
C PHE B 561 -9.62 -36.55 -2.27
N ASN B 562 -10.47 -35.90 -1.42
CA ASN B 562 -11.76 -35.34 -1.77
C ASN B 562 -11.59 -34.33 -2.91
N VAL B 563 -10.63 -33.36 -2.79
CA VAL B 563 -10.36 -32.37 -3.83
C VAL B 563 -9.86 -33.05 -5.11
N ALA B 564 -8.94 -34.01 -4.98
CA ALA B 564 -8.39 -34.69 -6.16
C ALA B 564 -9.47 -35.34 -7.04
N ILE B 565 -10.35 -36.17 -6.48
CA ILE B 565 -11.32 -36.90 -7.27
C ILE B 565 -12.52 -36.06 -7.67
N THR B 566 -12.83 -34.97 -6.95
CA THR B 566 -13.94 -34.08 -7.31
C THR B 566 -13.58 -33.06 -8.40
N ARG B 567 -12.40 -33.17 -9.06
CA ARG B 567 -12.08 -32.26 -10.17
C ARG B 567 -12.74 -32.75 -11.50
N ALA B 568 -13.10 -34.05 -11.57
CA ALA B 568 -13.66 -34.73 -12.73
C ALA B 568 -15.15 -34.51 -12.96
N LYS B 569 -15.49 -34.15 -14.20
CA LYS B 569 -16.85 -33.97 -14.69
C LYS B 569 -17.33 -35.27 -15.36
N VAL B 570 -16.45 -36.03 -16.00
CA VAL B 570 -16.86 -37.23 -16.74
C VAL B 570 -16.21 -38.53 -16.26
N GLY B 571 -14.89 -38.60 -16.24
CA GLY B 571 -14.20 -39.80 -15.82
C GLY B 571 -12.96 -39.54 -15.00
N ILE B 572 -12.59 -40.52 -14.19
CA ILE B 572 -11.39 -40.47 -13.39
C ILE B 572 -10.70 -41.81 -13.37
N LEU B 573 -9.38 -41.79 -13.35
CA LEU B 573 -8.59 -43.00 -13.21
C LEU B 573 -7.74 -42.73 -11.96
N CYS B 574 -7.89 -43.54 -10.90
CA CYS B 574 -7.08 -43.41 -9.70
C CYS B 574 -6.10 -44.57 -9.57
N ILE B 575 -4.78 -44.30 -9.62
CA ILE B 575 -3.76 -45.33 -9.37
C ILE B 575 -3.41 -45.09 -7.91
N MET B 576 -3.85 -46.01 -7.03
CA MET B 576 -3.78 -45.93 -5.57
C MET B 576 -2.65 -46.70 -4.97
N SER B 577 -2.16 -46.18 -3.83
CA SER B 577 -1.11 -46.78 -3.01
C SER B 577 -1.71 -47.26 -1.69
N ASP B 578 -2.68 -46.53 -1.15
CA ASP B 578 -3.32 -46.79 0.13
C ASP B 578 -4.52 -47.69 -0.07
N ARG B 579 -4.56 -48.83 0.64
CA ARG B 579 -5.65 -49.80 0.60
C ARG B 579 -6.96 -49.20 1.10
N ASP B 580 -6.92 -48.44 2.19
CA ASP B 580 -8.06 -47.77 2.80
C ASP B 580 -8.82 -46.90 1.76
N LEU B 581 -8.16 -45.89 1.18
CA LEU B 581 -8.77 -45.03 0.18
C LEU B 581 -9.13 -45.78 -1.11
N TYR B 582 -8.34 -46.79 -1.53
CA TYR B 582 -8.66 -47.60 -2.70
C TYR B 582 -10.01 -48.33 -2.46
N ASP B 583 -10.16 -48.93 -1.27
CA ASP B 583 -11.35 -49.68 -0.88
C ASP B 583 -12.59 -48.78 -0.72
N LYS B 584 -12.35 -47.48 -0.39
CA LYS B 584 -13.36 -46.43 -0.23
C LYS B 584 -13.86 -45.87 -1.56
N LEU B 585 -13.08 -46.02 -2.66
CA LEU B 585 -13.45 -45.58 -4.01
C LEU B 585 -14.56 -46.48 -4.61
N GLN B 586 -15.73 -45.87 -4.91
CA GLN B 586 -16.83 -46.58 -5.53
C GLN B 586 -16.69 -46.53 -7.02
N PHE B 587 -15.55 -47.02 -7.49
CA PHE B 587 -15.12 -47.05 -8.88
C PHE B 587 -14.97 -48.49 -9.32
N THR B 588 -14.93 -48.69 -10.64
CA THR B 588 -14.71 -49.97 -11.25
C THR B 588 -13.21 -50.30 -11.10
N SER B 589 -12.90 -51.43 -10.48
CA SER B 589 -11.52 -51.84 -10.31
C SER B 589 -10.95 -52.39 -11.60
N LEU B 590 -9.71 -52.02 -11.91
CA LEU B 590 -8.98 -52.48 -13.09
C LEU B 590 -7.81 -53.39 -12.63
N GLU B 591 -7.33 -54.25 -13.51
CA GLU B 591 -6.22 -55.15 -13.17
C GLU B 591 -4.87 -54.62 -13.69
N ILE B 592 -3.77 -55.01 -13.02
CA ILE B 592 -2.42 -54.61 -13.39
C ILE B 592 -1.88 -55.49 -14.51
N PRO B 593 -1.44 -54.88 -15.63
CA PRO B 593 -0.88 -55.70 -16.72
C PRO B 593 0.60 -56.10 -16.53
#